data_1R5J
#
_entry.id   1R5J
#
_cell.length_a   173.725
_cell.length_b   173.725
_cell.length_c   173.725
_cell.angle_alpha   90.00
_cell.angle_beta   90.00
_cell.angle_gamma   90.00
#
_symmetry.space_group_name_H-M   'P 43 3 2'
#
loop_
_entity.id
_entity.type
_entity.pdbx_description
1 polymer 'putative phosphotransacetylase'
2 water water
#
_entity_poly.entity_id   1
_entity_poly.type   'polypeptide(L)'
_entity_poly.pdbx_seq_one_letter_code
;GGGGGG(MSE)SIRSLFGGLREKILGKN(MSE)KIVFPEGNDERVVRAAARLKFEGLLEPIILGQSEEVRNLLTKLGFAD
QDYTIINPNEYADFDK(MSE)KEAFVEVRKGKATLEDADK(MSE)LRDVNYFGV(MSE)LVK(MSE)GLADG(MSE)VSG
AIHSTADTVRPALQIIKTKPGISRTSGVFL(MSE)NRENTSERYVFADCAINIDPTAQELAEIAVNTAETAKIFDIDPKI
A(MSE)LSFSTKGSGKAPQVDKVREATEIATGLNPDLALDGELQFDAAFVPETAAIKAPDSAVAGQANTFVFPDLQSGNI
GYKIAQRLG(MSE)FDAIGPILQGLNKPVNDLSRGSSAEDIYKLAIITAAQAIESQG
;
_entity_poly.pdbx_strand_id   A,B
#
# COMPACT_ATOMS: atom_id res chain seq x y z
N MSE A 7 26.84 -1.52 -2.70
CA MSE A 7 26.22 -1.58 -1.35
C MSE A 7 25.25 -2.77 -1.12
O MSE A 7 24.03 -2.64 -1.16
CB MSE A 7 25.53 -0.27 -1.10
CG MSE A 7 24.70 0.16 -2.29
SE MSE A 7 23.29 1.24 -1.63
CE MSE A 7 24.12 1.93 -0.03
N SER A 8 25.83 -3.91 -0.84
CA SER A 8 25.11 -5.16 -0.62
C SER A 8 24.62 -5.37 0.80
N ILE A 9 23.85 -6.44 1.01
CA ILE A 9 23.36 -6.74 2.34
C ILE A 9 24.55 -7.15 3.16
N ARG A 10 25.52 -7.82 2.53
CA ARG A 10 26.72 -8.25 3.23
C ARG A 10 27.52 -7.03 3.65
N SER A 11 27.63 -6.06 2.75
CA SER A 11 28.35 -4.82 3.03
C SER A 11 27.67 -4.12 4.20
N LEU A 12 26.36 -3.99 4.10
CA LEU A 12 25.59 -3.35 5.15
C LEU A 12 25.84 -4.03 6.50
N PHE A 13 25.97 -5.35 6.51
CA PHE A 13 26.20 -6.00 7.78
C PHE A 13 27.65 -5.99 8.22
N GLY A 14 28.55 -5.74 7.27
CA GLY A 14 29.95 -5.66 7.61
C GLY A 14 30.15 -4.32 8.26
N GLY A 15 29.19 -3.42 8.06
CA GLY A 15 29.25 -2.09 8.63
C GLY A 15 28.67 -2.08 10.04
N LEU A 16 27.54 -2.77 10.20
CA LEU A 16 26.91 -2.86 11.49
C LEU A 16 27.81 -3.69 12.38
N ARG A 17 28.44 -4.71 11.80
CA ARG A 17 29.33 -5.56 12.57
C ARG A 17 30.55 -4.82 13.09
N GLU A 18 31.01 -3.81 12.36
CA GLU A 18 32.17 -3.07 12.83
C GLU A 18 31.72 -2.17 13.96
N LYS A 19 30.52 -1.62 13.82
CA LYS A 19 29.98 -0.74 14.84
C LYS A 19 29.75 -1.41 16.20
N ILE A 20 29.62 -2.72 16.26
CA ILE A 20 29.38 -3.38 17.55
C ILE A 20 30.46 -4.34 18.04
N LEU A 21 31.48 -4.54 17.21
CA LEU A 21 32.58 -5.44 17.57
C LEU A 21 33.41 -4.82 18.67
N GLY A 22 33.58 -5.58 19.76
CA GLY A 22 34.37 -5.09 20.87
C GLY A 22 33.60 -4.29 21.92
N LYS A 23 32.49 -3.68 21.51
CA LYS A 23 31.66 -2.90 22.41
C LYS A 23 30.87 -3.78 23.41
N ASN A 24 31.23 -5.07 23.47
CA ASN A 24 30.60 -6.05 24.36
C ASN A 24 29.17 -5.84 24.84
N MSE A 25 28.28 -5.58 23.89
CA MSE A 25 26.88 -5.39 24.21
C MSE A 25 26.31 -6.73 24.65
O MSE A 25 26.75 -7.79 24.21
CB MSE A 25 26.13 -4.90 22.96
CG MSE A 25 26.41 -3.46 22.54
SE MSE A 25 25.71 -2.16 23.78
CE MSE A 25 27.30 -2.00 24.89
N LYS A 26 25.32 -6.70 25.53
CA LYS A 26 24.76 -7.95 26.00
C LYS A 26 23.30 -8.09 25.59
N ILE A 27 22.97 -9.13 24.84
CA ILE A 27 21.59 -9.35 24.42
C ILE A 27 21.00 -10.59 25.03
N VAL A 28 19.76 -10.47 25.47
CA VAL A 28 19.05 -11.57 26.07
C VAL A 28 18.32 -12.39 25.03
N PHE A 29 18.46 -13.71 25.09
CA PHE A 29 17.75 -14.59 24.18
C PHE A 29 16.79 -15.45 24.98
N PRO A 30 15.57 -14.96 25.16
CA PRO A 30 14.56 -15.69 25.93
C PRO A 30 14.36 -17.13 25.46
N GLU A 31 14.44 -17.35 24.15
CA GLU A 31 14.19 -18.69 23.66
C GLU A 31 15.41 -19.62 23.66
N GLY A 32 15.77 -20.13 24.84
CA GLY A 32 16.89 -21.04 24.97
C GLY A 32 16.51 -22.43 24.46
N ASN A 33 15.22 -22.59 24.15
CA ASN A 33 14.71 -23.84 23.60
C ASN A 33 15.21 -24.00 22.19
N ASP A 34 14.61 -23.23 21.28
CA ASP A 34 14.90 -23.21 19.84
C ASP A 34 16.38 -23.24 19.47
N GLU A 35 16.74 -24.25 18.69
CA GLU A 35 18.13 -24.43 18.27
C GLU A 35 18.63 -23.36 17.32
N ARG A 36 17.70 -22.71 16.63
CA ARG A 36 18.08 -21.65 15.72
C ARG A 36 18.71 -20.58 16.61
N VAL A 37 17.98 -20.17 17.64
CA VAL A 37 18.48 -19.16 18.55
C VAL A 37 19.83 -19.59 19.11
N VAL A 38 19.90 -20.83 19.55
CA VAL A 38 21.15 -21.31 20.11
C VAL A 38 22.30 -21.21 19.16
N ARG A 39 22.16 -21.77 17.95
CA ARG A 39 23.26 -21.73 17.00
C ARG A 39 23.62 -20.30 16.65
N ALA A 40 22.65 -19.41 16.74
CA ALA A 40 22.86 -18.00 16.41
C ALA A 40 23.61 -17.32 17.53
N ALA A 41 23.15 -17.58 18.75
CA ALA A 41 23.77 -17.01 19.92
C ALA A 41 25.24 -17.43 19.85
N ALA A 42 25.42 -18.76 19.78
CA ALA A 42 26.73 -19.40 19.68
C ALA A 42 27.64 -18.72 18.66
N ARG A 43 27.10 -18.46 17.48
CA ARG A 43 27.86 -17.82 16.42
C ARG A 43 28.30 -16.42 16.84
N LEU A 44 27.33 -15.63 17.31
CA LEU A 44 27.53 -14.24 17.74
C LEU A 44 28.56 -14.15 18.85
N LYS A 45 28.49 -15.12 19.75
CA LYS A 45 29.39 -15.19 20.89
C LYS A 45 30.83 -15.33 20.45
N PHE A 46 31.11 -16.37 19.67
CA PHE A 46 32.47 -16.61 19.23
C PHE A 46 32.98 -15.82 18.03
N GLU A 47 32.26 -14.78 17.64
CA GLU A 47 32.74 -13.94 16.55
C GLU A 47 33.14 -12.61 17.19
N GLY A 48 32.79 -12.47 18.48
CA GLY A 48 33.09 -11.26 19.23
C GLY A 48 32.17 -10.09 18.96
N LEU A 49 30.88 -10.37 18.73
CA LEU A 49 29.91 -9.33 18.43
C LEU A 49 29.08 -8.90 19.63
N LEU A 50 28.77 -9.85 20.50
CA LEU A 50 27.96 -9.53 21.66
C LEU A 50 27.91 -10.73 22.58
N GLU A 51 27.52 -10.52 23.84
CA GLU A 51 27.42 -11.66 24.75
C GLU A 51 25.98 -12.05 24.86
N PRO A 52 25.68 -13.29 24.56
CA PRO A 52 24.31 -13.77 24.65
C PRO A 52 23.96 -14.09 26.08
N ILE A 53 22.71 -13.88 26.44
CA ILE A 53 22.27 -14.20 27.77
C ILE A 53 21.08 -15.09 27.47
N ILE A 54 21.34 -16.39 27.44
CA ILE A 54 20.31 -17.37 27.11
C ILE A 54 19.45 -17.72 28.30
N LEU A 55 18.14 -17.86 28.08
CA LEU A 55 17.21 -18.20 29.14
C LEU A 55 16.71 -19.64 29.03
N GLY A 56 16.58 -20.30 30.18
CA GLY A 56 16.13 -21.68 30.22
C GLY A 56 16.92 -22.49 31.24
N GLN A 57 16.45 -23.71 31.52
CA GLN A 57 17.10 -24.60 32.48
C GLN A 57 18.56 -24.80 32.14
N SER A 58 19.44 -24.20 32.93
CA SER A 58 20.88 -24.28 32.71
C SER A 58 21.36 -25.57 32.05
N GLU A 59 20.99 -26.72 32.60
CA GLU A 59 21.42 -27.99 32.02
C GLU A 59 20.78 -28.26 30.64
N GLU A 60 19.49 -27.94 30.51
CA GLU A 60 18.75 -28.13 29.27
C GLU A 60 19.42 -27.46 28.08
N VAL A 61 19.41 -26.13 28.09
CA VAL A 61 20.01 -25.32 27.04
C VAL A 61 21.46 -25.73 26.81
N ARG A 62 22.20 -26.05 27.87
CA ARG A 62 23.58 -26.46 27.74
C ARG A 62 23.65 -27.74 26.92
N ASN A 63 22.59 -28.55 27.02
CA ASN A 63 22.51 -29.80 26.28
C ASN A 63 22.43 -29.47 24.78
N LEU A 64 21.39 -28.71 24.42
CA LEU A 64 21.19 -28.33 23.04
C LEU A 64 22.48 -27.73 22.50
N LEU A 65 23.26 -27.06 23.33
CA LEU A 65 24.51 -26.48 22.86
C LEU A 65 25.48 -27.53 22.33
N THR A 66 25.46 -28.72 22.92
CA THR A 66 26.33 -29.81 22.45
C THR A 66 25.63 -30.65 21.39
N LYS A 67 24.33 -30.86 21.54
CA LYS A 67 23.54 -31.62 20.57
C LYS A 67 23.76 -31.02 19.17
N LEU A 68 24.12 -29.74 19.14
CA LEU A 68 24.40 -29.00 17.90
C LEU A 68 25.91 -28.90 17.68
N GLY A 69 26.68 -29.63 18.46
CA GLY A 69 28.12 -29.64 18.30
C GLY A 69 28.93 -28.45 18.80
N PHE A 70 28.40 -27.70 19.76
CA PHE A 70 29.11 -26.54 20.28
C PHE A 70 29.75 -26.77 21.61
N ALA A 71 30.72 -25.91 21.94
CA ALA A 71 31.39 -25.96 23.23
C ALA A 71 30.25 -25.86 24.25
N ASP A 72 30.45 -26.45 25.43
CA ASP A 72 29.44 -26.49 26.48
C ASP A 72 29.56 -25.42 27.56
N GLN A 73 30.71 -24.78 27.64
CA GLN A 73 30.94 -23.79 28.67
C GLN A 73 31.09 -22.35 28.26
N ASP A 74 30.95 -21.49 29.28
CA ASP A 74 31.06 -20.03 29.18
C ASP A 74 29.86 -19.24 28.73
N TYR A 75 28.74 -19.90 28.58
CA TYR A 75 27.56 -19.17 28.17
C TYR A 75 26.90 -18.68 29.44
N THR A 76 26.37 -17.47 29.39
CA THR A 76 25.68 -16.89 30.53
C THR A 76 24.21 -17.30 30.52
N ILE A 77 23.96 -18.56 30.89
CA ILE A 77 22.61 -19.10 30.93
C ILE A 77 21.91 -18.74 32.26
N ILE A 78 20.62 -18.41 32.21
CA ILE A 78 19.89 -18.04 33.40
C ILE A 78 18.52 -18.68 33.40
N ASN A 79 18.09 -19.24 34.52
CA ASN A 79 16.78 -19.88 34.59
C ASN A 79 15.76 -18.98 35.26
N PRO A 80 14.67 -18.62 34.54
CA PRO A 80 13.64 -17.77 35.13
C PRO A 80 13.03 -18.31 36.45
N ASN A 81 12.65 -19.58 36.48
CA ASN A 81 12.07 -20.16 37.70
C ASN A 81 13.08 -20.06 38.83
N GLU A 82 14.25 -20.65 38.61
CA GLU A 82 15.28 -20.64 39.63
C GLU A 82 16.28 -19.50 39.47
N TYR A 83 15.87 -18.29 39.87
CA TYR A 83 16.76 -17.15 39.74
C TYR A 83 17.39 -16.73 41.07
N ALA A 84 18.72 -16.62 41.04
CA ALA A 84 19.54 -16.24 42.19
C ALA A 84 19.31 -14.83 42.66
N ASP A 85 18.19 -14.23 42.26
CA ASP A 85 17.86 -12.86 42.64
C ASP A 85 16.42 -12.56 42.26
N PHE A 86 15.60 -13.61 42.12
CA PHE A 86 14.22 -13.43 41.74
C PHE A 86 13.54 -12.52 42.73
N ASP A 87 14.30 -11.99 43.68
CA ASP A 87 13.77 -11.10 44.71
C ASP A 87 13.92 -9.64 44.33
N LYS A 88 15.15 -9.18 44.22
CA LYS A 88 15.43 -7.82 43.83
C LYS A 88 14.58 -7.48 42.59
N MSE A 89 14.39 -8.48 41.72
CA MSE A 89 13.65 -8.34 40.47
C MSE A 89 12.13 -8.33 40.67
O MSE A 89 11.46 -7.40 40.20
CB MSE A 89 14.02 -9.47 39.49
CG MSE A 89 13.33 -9.38 38.11
SE MSE A 89 13.68 -10.84 36.83
CE MSE A 89 12.05 -11.84 36.95
N LYS A 90 11.60 -9.33 41.36
CA LYS A 90 10.17 -9.44 41.59
C LYS A 90 9.62 -8.12 42.14
N GLU A 91 10.47 -7.41 42.88
CA GLU A 91 10.08 -6.13 43.45
C GLU A 91 10.22 -5.05 42.39
N ALA A 92 11.40 -4.94 41.78
CA ALA A 92 11.63 -3.94 40.74
C ALA A 92 10.47 -3.91 39.75
N PHE A 93 9.67 -4.99 39.75
CA PHE A 93 8.52 -5.09 38.85
C PHE A 93 7.31 -4.29 39.34
N VAL A 94 6.83 -4.57 40.54
CA VAL A 94 5.68 -3.83 41.08
C VAL A 94 6.11 -2.35 41.18
N GLU A 95 7.40 -2.16 41.42
CA GLU A 95 7.98 -0.84 41.53
C GLU A 95 7.85 -0.08 40.19
N VAL A 96 7.01 -0.59 39.30
CA VAL A 96 6.84 0.05 37.98
C VAL A 96 5.39 -0.04 37.50
N ARG A 97 4.61 -0.93 38.10
CA ARG A 97 3.21 -1.09 37.69
C ARG A 97 2.25 -0.64 38.78
N LYS A 98 2.82 0.08 39.77
CA LYS A 98 2.06 0.52 40.95
C LYS A 98 0.75 -0.24 41.25
N GLY A 99 -0.39 0.35 40.84
CA GLY A 99 -1.70 -0.21 41.09
C GLY A 99 -1.69 -1.72 40.87
N LYS A 100 -1.45 -2.05 39.62
CA LYS A 100 -1.34 -3.41 39.22
C LYS A 100 -0.03 -4.00 39.76
N ALA A 101 0.93 -3.15 40.13
CA ALA A 101 2.18 -3.64 40.73
C ALA A 101 1.79 -4.54 41.89
N THR A 102 2.29 -5.78 41.89
CA THR A 102 1.92 -6.77 42.94
C THR A 102 2.94 -7.87 43.18
N LEU A 103 3.64 -7.84 44.32
CA LEU A 103 4.64 -8.86 44.57
C LEU A 103 4.10 -10.30 44.38
N GLU A 104 2.81 -10.54 44.64
CA GLU A 104 2.24 -11.86 44.45
C GLU A 104 2.07 -12.21 42.98
N ASP A 105 1.85 -11.17 42.17
CA ASP A 105 1.69 -11.33 40.72
C ASP A 105 3.08 -11.49 40.12
N ALA A 106 3.95 -10.52 40.38
CA ALA A 106 5.34 -10.48 39.90
C ALA A 106 6.07 -11.81 40.03
N ASP A 107 5.76 -12.57 41.08
CA ASP A 107 6.41 -13.87 41.29
C ASP A 107 5.96 -14.90 40.26
N LYS A 108 4.77 -14.68 39.68
CA LYS A 108 4.22 -15.58 38.70
C LYS A 108 4.52 -15.11 37.27
N MSE A 109 4.41 -13.80 37.06
CA MSE A 109 4.66 -13.21 35.75
C MSE A 109 6.12 -13.21 35.34
O MSE A 109 6.45 -13.66 34.26
CB MSE A 109 4.16 -11.79 35.69
CG MSE A 109 2.70 -11.64 35.94
SE MSE A 109 2.25 -9.84 35.47
CE MSE A 109 1.97 -10.16 33.57
N LEU A 110 6.99 -12.69 36.20
CA LEU A 110 8.40 -12.65 35.88
C LEU A 110 9.02 -14.05 35.73
N ARG A 111 8.13 -15.04 35.69
CA ARG A 111 8.52 -16.42 35.51
C ARG A 111 8.67 -16.57 33.98
N ASP A 112 7.70 -16.03 33.23
CA ASP A 112 7.67 -16.07 31.77
C ASP A 112 8.96 -15.48 31.16
N VAL A 113 9.65 -16.32 30.40
CA VAL A 113 10.91 -15.98 29.77
C VAL A 113 11.04 -14.57 29.17
N ASN A 114 9.96 -14.07 28.56
CA ASN A 114 9.99 -12.73 27.96
C ASN A 114 10.01 -11.67 29.02
N TYR A 115 9.06 -11.73 29.94
CA TYR A 115 9.02 -10.75 31.01
C TYR A 115 10.37 -10.73 31.65
N PHE A 116 10.83 -11.92 32.02
CA PHE A 116 12.13 -12.06 32.65
C PHE A 116 13.16 -11.27 31.86
N GLY A 117 13.22 -11.55 30.56
CA GLY A 117 14.17 -10.88 29.68
C GLY A 117 14.05 -9.37 29.68
N VAL A 118 12.83 -8.86 29.49
CA VAL A 118 12.61 -7.41 29.48
C VAL A 118 13.16 -6.89 30.80
N MSE A 119 12.77 -7.56 31.88
CA MSE A 119 13.21 -7.19 33.20
C MSE A 119 14.74 -7.09 33.23
O MSE A 119 15.29 -6.05 33.55
CB MSE A 119 12.69 -8.22 34.21
CG MSE A 119 12.10 -7.62 35.51
SE MSE A 119 10.76 -6.22 35.27
CE MSE A 119 12.01 -4.73 35.37
N LEU A 120 15.41 -8.17 32.86
CA LEU A 120 16.87 -8.17 32.85
C LEU A 120 17.43 -6.96 32.12
N VAL A 121 16.70 -6.50 31.10
CA VAL A 121 17.16 -5.35 30.35
C VAL A 121 16.85 -4.08 31.11
N LYS A 122 15.68 -4.06 31.75
CA LYS A 122 15.26 -2.90 32.53
C LYS A 122 16.26 -2.66 33.67
N MSE A 123 16.57 -3.72 34.40
CA MSE A 123 17.50 -3.64 35.51
C MSE A 123 18.95 -3.45 35.10
O MSE A 123 19.85 -3.86 35.85
CB MSE A 123 17.37 -4.89 36.38
CG MSE A 123 15.99 -5.11 36.96
SE MSE A 123 15.75 -6.91 37.63
CE MSE A 123 17.48 -7.07 38.51
N GLY A 124 19.22 -2.83 33.95
CA GLY A 124 20.58 -2.63 33.49
C GLY A 124 21.51 -3.86 33.42
N LEU A 125 20.92 -5.05 33.53
CA LEU A 125 21.65 -6.32 33.50
C LEU A 125 21.93 -6.83 32.09
N ALA A 126 21.37 -6.13 31.09
CA ALA A 126 21.53 -6.47 29.67
C ALA A 126 21.16 -5.26 28.82
N ASP A 127 21.98 -4.97 27.82
CA ASP A 127 21.75 -3.85 26.92
C ASP A 127 20.52 -3.97 25.98
N GLY A 128 20.12 -5.19 25.65
CA GLY A 128 18.99 -5.39 24.76
C GLY A 128 18.47 -6.81 24.73
N MSE A 129 17.49 -7.04 23.86
CA MSE A 129 16.88 -8.34 23.73
C MSE A 129 16.34 -8.61 22.32
O MSE A 129 15.98 -7.69 21.56
CB MSE A 129 15.77 -8.48 24.77
CG MSE A 129 15.03 -9.77 24.69
SE MSE A 129 13.66 -9.93 26.00
CE MSE A 129 12.06 -9.91 24.94
N VAL A 130 16.34 -9.90 21.98
CA VAL A 130 15.85 -10.43 20.71
C VAL A 130 15.06 -11.68 21.05
N SER A 131 13.80 -11.71 20.66
CA SER A 131 12.96 -12.87 20.93
C SER A 131 11.92 -12.96 19.84
N GLY A 132 11.01 -13.92 19.97
CA GLY A 132 9.96 -14.03 18.98
C GLY A 132 10.10 -15.14 17.95
N ALA A 133 10.97 -16.11 18.24
CA ALA A 133 11.18 -17.24 17.33
C ALA A 133 10.21 -18.37 17.70
N ILE A 134 9.52 -18.17 18.82
CA ILE A 134 8.61 -19.17 19.33
C ILE A 134 7.38 -18.56 20.02
N HIS A 135 7.33 -17.24 20.05
CA HIS A 135 6.22 -16.57 20.69
C HIS A 135 5.59 -15.56 19.78
N SER A 136 4.37 -15.16 20.12
CA SER A 136 3.68 -14.17 19.32
C SER A 136 4.43 -12.85 19.46
N THR A 137 4.09 -11.92 18.60
CA THR A 137 4.72 -10.63 18.65
C THR A 137 4.27 -10.01 19.97
N ALA A 138 3.03 -10.27 20.32
CA ALA A 138 2.44 -9.73 21.54
C ALA A 138 3.27 -10.08 22.76
N ASP A 139 3.70 -11.34 22.84
CA ASP A 139 4.47 -11.81 23.98
C ASP A 139 5.82 -11.15 24.14
N THR A 140 6.17 -10.28 23.21
CA THR A 140 7.46 -9.61 23.31
C THR A 140 7.22 -8.11 23.38
N VAL A 141 6.30 -7.61 22.56
CA VAL A 141 6.03 -6.19 22.54
C VAL A 141 5.28 -5.71 23.80
N ARG A 142 4.55 -6.62 24.46
CA ARG A 142 3.80 -6.25 25.65
C ARG A 142 4.71 -5.97 26.83
N PRO A 143 5.48 -6.98 27.28
CA PRO A 143 6.36 -6.73 28.42
C PRO A 143 7.23 -5.54 28.12
N ALA A 144 7.74 -5.48 26.92
CA ALA A 144 8.62 -4.39 26.56
C ALA A 144 7.97 -3.04 26.81
N LEU A 145 6.66 -2.96 26.58
CA LEU A 145 5.93 -1.70 26.76
C LEU A 145 5.63 -1.39 28.23
N GLN A 146 5.27 -2.40 29.01
CA GLN A 146 5.00 -2.19 30.42
C GLN A 146 6.27 -1.80 31.20
N ILE A 147 7.26 -2.70 31.23
CA ILE A 147 8.54 -2.51 31.93
C ILE A 147 9.43 -1.40 31.33
N ILE A 148 10.12 -1.71 30.23
CA ILE A 148 10.93 -0.70 29.56
C ILE A 148 9.78 0.07 28.94
N LYS A 149 10.00 1.27 28.44
CA LYS A 149 8.87 1.96 27.85
C LYS A 149 9.31 2.78 26.69
N THR A 150 8.35 3.49 26.11
CA THR A 150 8.63 4.36 24.98
C THR A 150 9.71 5.36 25.39
N LYS A 151 10.48 5.87 24.43
CA LYS A 151 11.52 6.84 24.74
C LYS A 151 10.84 8.11 25.19
N PRO A 152 11.61 9.01 25.84
CA PRO A 152 11.07 10.28 26.33
C PRO A 152 10.35 11.11 25.29
N GLY A 153 10.88 11.15 24.06
CA GLY A 153 10.25 11.94 23.01
C GLY A 153 9.10 11.27 22.25
N ILE A 154 8.93 9.96 22.41
CA ILE A 154 7.88 9.24 21.69
C ILE A 154 6.78 8.63 22.57
N SER A 155 5.59 8.48 22.01
CA SER A 155 4.47 7.92 22.77
C SER A 155 4.13 6.50 22.35
N ARG A 156 4.53 6.13 21.14
CA ARG A 156 4.26 4.78 20.65
C ARG A 156 5.37 4.19 19.84
N THR A 157 5.47 2.87 19.87
CA THR A 157 6.52 2.20 19.11
C THR A 157 6.08 1.94 17.69
N SER A 158 7.05 1.71 16.84
CA SER A 158 6.74 1.47 15.45
C SER A 158 7.75 0.49 14.91
N GLY A 159 7.37 -0.22 13.86
CA GLY A 159 8.24 -1.20 13.23
C GLY A 159 8.70 -0.85 11.83
N VAL A 160 9.97 -0.46 11.70
CA VAL A 160 10.52 -0.10 10.40
C VAL A 160 11.10 -1.33 9.67
N PHE A 161 11.10 -1.26 8.35
CA PHE A 161 11.63 -2.32 7.50
C PHE A 161 12.73 -1.75 6.68
N LEU A 162 13.92 -2.34 6.75
CA LEU A 162 15.05 -1.88 5.91
C LEU A 162 14.77 -2.61 4.57
N MSE A 163 14.50 -1.85 3.52
CA MSE A 163 14.18 -2.41 2.21
C MSE A 163 15.37 -2.33 1.29
O MSE A 163 15.66 -1.27 0.73
CB MSE A 163 13.02 -1.62 1.59
CG MSE A 163 11.78 -1.58 2.48
SE MSE A 163 10.92 -3.31 2.60
CE MSE A 163 10.45 -3.47 0.74
N ASN A 164 16.05 -3.44 1.12
CA ASN A 164 17.24 -3.45 0.31
C ASN A 164 17.17 -4.19 -1.00
N ARG A 165 17.69 -3.57 -2.05
CA ARG A 165 17.69 -4.21 -3.37
C ARG A 165 19.06 -3.90 -4.02
N GLU A 166 20.10 -4.61 -3.62
CA GLU A 166 21.45 -4.33 -4.13
C GLU A 166 21.74 -4.30 -5.62
N ASN A 167 21.15 -5.19 -6.39
CA ASN A 167 21.40 -5.19 -7.83
C ASN A 167 21.01 -3.86 -8.45
N THR A 168 20.34 -3.02 -7.68
CA THR A 168 19.85 -1.73 -8.15
C THR A 168 20.43 -0.56 -7.39
N SER A 169 21.19 -0.86 -6.37
CA SER A 169 21.82 0.19 -5.57
C SER A 169 20.76 1.02 -4.86
N GLU A 170 19.72 0.37 -4.34
CA GLU A 170 18.64 1.06 -3.61
C GLU A 170 18.40 0.50 -2.22
N ARG A 171 18.40 1.40 -1.24
CA ARG A 171 18.19 1.03 0.15
C ARG A 171 17.23 2.05 0.74
N TYR A 172 16.10 1.56 1.25
CA TYR A 172 15.02 2.39 1.80
C TYR A 172 14.58 1.93 3.17
N VAL A 173 13.69 2.71 3.78
CA VAL A 173 13.11 2.38 5.09
C VAL A 173 11.59 2.60 4.99
N PHE A 174 10.79 1.71 5.61
CA PHE A 174 9.32 1.85 5.57
C PHE A 174 8.65 2.06 6.95
N ALA A 175 7.66 2.97 6.95
CA ALA A 175 6.85 3.53 8.06
C ALA A 175 5.87 2.78 8.92
N ASP A 176 6.36 2.07 9.91
CA ASP A 176 5.49 1.28 10.76
C ASP A 176 4.56 0.43 9.93
N CYS A 177 5.01 -0.78 9.69
CA CYS A 177 4.25 -1.70 8.90
C CYS A 177 4.03 -2.85 9.82
N ALA A 178 3.89 -2.56 11.11
CA ALA A 178 3.70 -3.63 12.06
C ALA A 178 2.94 -3.32 13.32
N ILE A 179 3.14 -2.15 13.91
CA ILE A 179 2.49 -1.84 15.19
C ILE A 179 1.19 -1.02 15.23
N ASN A 180 1.22 0.25 14.83
CA ASN A 180 0.04 1.11 14.90
C ASN A 180 -1.04 0.95 13.86
N ILE A 181 -2.19 0.42 14.26
CA ILE A 181 -3.29 0.22 13.32
C ILE A 181 -3.63 1.48 12.50
N ASP A 182 -3.82 2.60 13.18
CA ASP A 182 -4.15 3.87 12.50
C ASP A 182 -3.62 5.03 13.32
N PRO A 183 -2.40 5.47 13.04
CA PRO A 183 -1.73 6.57 13.73
C PRO A 183 -2.42 7.90 13.68
N THR A 184 -2.14 8.67 14.72
CA THR A 184 -2.67 10.02 14.90
C THR A 184 -1.68 10.92 14.25
N ALA A 185 -2.13 12.07 13.74
CA ALA A 185 -1.20 13.00 13.10
C ALA A 185 -0.03 13.19 14.07
N GLN A 186 -0.28 13.15 15.36
CA GLN A 186 0.81 13.29 16.33
C GLN A 186 1.75 12.08 16.28
N GLU A 187 1.17 10.90 16.48
CA GLU A 187 1.93 9.65 16.47
C GLU A 187 2.68 9.46 15.15
N LEU A 188 1.95 9.70 14.06
CA LEU A 188 2.50 9.61 12.73
C LEU A 188 3.74 10.46 12.62
N ALA A 189 3.70 11.65 13.22
CA ALA A 189 4.84 12.55 13.16
C ALA A 189 5.99 11.99 13.99
N GLU A 190 5.65 11.41 15.13
CA GLU A 190 6.66 10.84 15.98
C GLU A 190 7.31 9.72 15.19
N ILE A 191 6.47 8.83 14.65
CA ILE A 191 6.95 7.71 13.86
C ILE A 191 7.96 8.17 12.81
N ALA A 192 7.68 9.28 12.16
CA ALA A 192 8.57 9.79 11.14
C ALA A 192 9.89 10.26 11.73
N VAL A 193 9.81 11.06 12.78
CA VAL A 193 11.01 11.56 13.41
C VAL A 193 11.82 10.38 13.92
N ASN A 194 11.12 9.40 14.45
CA ASN A 194 11.74 8.19 14.98
C ASN A 194 12.47 7.44 13.86
N THR A 195 11.77 7.21 12.77
CA THR A 195 12.31 6.53 11.63
C THR A 195 13.62 7.09 11.16
N ALA A 196 13.68 8.40 10.97
CA ALA A 196 14.91 9.08 10.49
C ALA A 196 16.17 8.77 11.29
N GLU A 197 15.97 8.54 12.59
CA GLU A 197 17.08 8.23 13.47
C GLU A 197 17.55 6.79 13.20
N THR A 198 16.59 5.89 13.09
CA THR A 198 16.87 4.50 12.80
C THR A 198 17.57 4.40 11.44
N ALA A 199 17.02 5.11 10.46
CA ALA A 199 17.55 5.12 9.09
C ALA A 199 19.05 5.43 9.03
N LYS A 200 19.51 6.20 10.01
CA LYS A 200 20.91 6.56 10.06
C LYS A 200 21.75 5.34 10.46
N ILE A 201 21.21 4.48 11.33
CA ILE A 201 21.90 3.27 11.77
C ILE A 201 22.29 2.40 10.57
N PHE A 202 21.48 2.50 9.52
CA PHE A 202 21.69 1.76 8.29
C PHE A 202 22.37 2.60 7.21
N ASP A 203 23.11 3.61 7.66
CA ASP A 203 23.86 4.47 6.76
C ASP A 203 23.03 5.27 5.75
N ILE A 204 21.75 5.47 6.05
CA ILE A 204 20.90 6.24 5.14
C ILE A 204 20.88 7.70 5.55
N ASP A 205 20.79 8.58 4.56
CA ASP A 205 20.69 10.03 4.82
C ASP A 205 19.24 10.39 4.49
N PRO A 206 18.35 10.27 5.49
CA PRO A 206 16.92 10.54 5.36
C PRO A 206 16.44 11.66 4.46
N LYS A 207 15.41 11.30 3.71
CA LYS A 207 14.68 12.18 2.81
C LYS A 207 13.34 11.50 2.95
N ILE A 208 12.61 11.93 3.98
CA ILE A 208 11.32 11.40 4.33
C ILE A 208 10.15 11.93 3.54
N ALA A 209 9.26 11.02 3.19
CA ALA A 209 8.04 11.32 2.45
C ALA A 209 6.88 10.73 3.25
N MSE A 210 5.90 11.59 3.54
CA MSE A 210 4.71 11.20 4.27
C MSE A 210 3.73 10.84 3.15
O MSE A 210 3.25 11.69 2.42
CB MSE A 210 4.21 12.36 5.09
CG MSE A 210 5.29 13.03 5.92
SE MSE A 210 6.07 11.98 7.37
CE MSE A 210 4.62 11.97 8.67
N LEU A 211 3.46 9.55 3.05
CA LEU A 211 2.62 9.06 1.98
C LEU A 211 1.10 9.22 2.13
N SER A 212 0.44 9.48 0.99
CA SER A 212 -1.00 9.60 0.94
C SER A 212 -1.45 9.34 -0.49
N PHE A 213 -2.74 9.37 -0.74
CA PHE A 213 -3.24 9.14 -2.09
C PHE A 213 -3.32 10.49 -2.74
N SER A 214 -2.86 11.47 -2.00
CA SER A 214 -2.87 12.85 -2.43
C SER A 214 -1.46 13.43 -2.42
N THR A 215 -1.22 14.39 -3.28
CA THR A 215 0.08 15.04 -3.30
C THR A 215 -0.17 16.54 -3.20
N LYS A 216 0.28 17.14 -2.11
CA LYS A 216 0.15 18.57 -1.92
C LYS A 216 -1.24 19.13 -2.27
N GLY A 217 -2.27 18.54 -1.67
CA GLY A 217 -3.61 19.02 -1.92
C GLY A 217 -4.40 18.50 -3.11
N SER A 218 -3.85 17.56 -3.88
CA SER A 218 -4.56 17.03 -5.05
C SER A 218 -5.82 16.21 -4.69
N GLY A 219 -5.86 15.72 -3.45
CA GLY A 219 -6.98 14.94 -2.96
C GLY A 219 -7.46 15.61 -1.68
N LYS A 220 -8.73 15.44 -1.30
CA LYS A 220 -9.24 16.08 -0.11
C LYS A 220 -10.04 15.12 0.73
N ALA A 221 -9.65 14.96 1.99
CA ALA A 221 -10.34 14.05 2.91
C ALA A 221 -9.72 14.12 4.28
N PRO A 222 -10.42 13.62 5.32
CA PRO A 222 -9.88 13.64 6.68
C PRO A 222 -8.50 12.96 6.75
N GLN A 223 -8.36 11.80 6.10
CA GLN A 223 -7.08 11.09 6.13
C GLN A 223 -5.97 11.87 5.46
N VAL A 224 -6.32 12.67 4.48
CA VAL A 224 -5.35 13.52 3.80
C VAL A 224 -4.87 14.57 4.80
N ASP A 225 -5.81 15.16 5.55
CA ASP A 225 -5.48 16.17 6.54
C ASP A 225 -4.55 15.60 7.61
N LYS A 226 -4.79 14.35 8.01
CA LYS A 226 -3.99 13.70 9.03
C LYS A 226 -2.51 13.60 8.66
N VAL A 227 -2.24 13.47 7.38
CA VAL A 227 -0.90 13.33 6.88
C VAL A 227 -0.23 14.69 6.79
N ARG A 228 -0.96 15.67 6.24
CA ARG A 228 -0.45 17.02 6.11
C ARG A 228 -0.14 17.55 7.51
N GLU A 229 -1.09 17.36 8.43
CA GLU A 229 -0.94 17.79 9.81
C GLU A 229 0.34 17.17 10.36
N ALA A 230 0.41 15.84 10.33
CA ALA A 230 1.58 15.11 10.81
C ALA A 230 2.84 15.77 10.25
N THR A 231 2.94 15.85 8.93
CA THR A 231 4.07 16.46 8.27
C THR A 231 4.52 17.76 8.96
N GLU A 232 3.54 18.62 9.27
CA GLU A 232 3.78 19.89 9.96
C GLU A 232 4.41 19.64 11.32
N ILE A 233 3.68 18.87 12.13
CA ILE A 233 4.12 18.51 13.47
C ILE A 233 5.49 17.86 13.42
N ALA A 234 5.77 17.18 12.32
CA ALA A 234 7.04 16.50 12.14
C ALA A 234 8.10 17.57 11.98
N THR A 235 7.90 18.47 11.02
CA THR A 235 8.85 19.54 10.76
C THR A 235 9.14 20.34 12.03
N GLY A 236 8.14 20.39 12.90
CA GLY A 236 8.29 21.09 14.15
C GLY A 236 9.25 20.30 15.02
N LEU A 237 8.84 19.08 15.36
CA LEU A 237 9.64 18.20 16.21
C LEU A 237 11.12 18.20 15.90
N ASN A 238 11.47 18.33 14.63
CA ASN A 238 12.86 18.34 14.22
C ASN A 238 13.02 18.99 12.83
N PRO A 239 13.38 20.27 12.81
CA PRO A 239 13.57 21.10 11.61
C PRO A 239 14.67 20.66 10.66
N ASP A 240 15.64 19.89 11.17
CA ASP A 240 16.76 19.44 10.35
C ASP A 240 16.52 18.25 9.45
N LEU A 241 15.38 17.59 9.62
CA LEU A 241 15.07 16.44 8.79
C LEU A 241 14.61 16.87 7.41
N ALA A 242 14.92 16.07 6.39
CA ALA A 242 14.45 16.38 5.05
C ALA A 242 13.10 15.65 4.95
N LEU A 243 12.07 16.32 5.42
CA LEU A 243 10.71 15.79 5.46
C LEU A 243 9.80 16.56 4.54
N ASP A 244 8.94 15.87 3.80
CA ASP A 244 7.97 16.58 2.99
C ASP A 244 6.63 15.88 3.06
N GLY A 245 5.58 16.69 3.24
CA GLY A 245 4.26 16.13 3.46
C GLY A 245 3.13 16.07 2.49
N GLU A 246 2.45 14.93 2.57
CA GLU A 246 1.31 14.58 1.75
C GLU A 246 1.82 14.42 0.32
N LEU A 247 2.55 13.32 0.13
CA LEU A 247 3.15 12.93 -1.15
C LEU A 247 2.65 11.53 -1.56
N GLN A 248 2.23 11.39 -2.81
CA GLN A 248 1.80 10.09 -3.31
C GLN A 248 3.12 9.34 -3.57
N PHE A 249 3.11 8.01 -3.61
CA PHE A 249 4.37 7.29 -3.81
C PHE A 249 5.15 7.76 -5.03
N ASP A 250 4.49 7.86 -6.17
CA ASP A 250 5.16 8.29 -7.39
C ASP A 250 5.82 9.66 -7.21
N ALA A 251 5.12 10.60 -6.60
CA ALA A 251 5.71 11.92 -6.35
C ALA A 251 6.90 11.83 -5.40
N ALA A 252 6.94 10.81 -4.57
CA ALA A 252 8.06 10.70 -3.66
C ALA A 252 9.25 9.95 -4.28
N PHE A 253 8.96 9.05 -5.18
CA PHE A 253 9.98 8.20 -5.75
C PHE A 253 10.54 8.56 -7.13
N VAL A 254 9.73 9.13 -8.02
CA VAL A 254 10.24 9.44 -9.34
C VAL A 254 10.32 10.94 -9.65
N PRO A 255 11.49 11.41 -10.10
CA PRO A 255 11.78 12.80 -10.47
C PRO A 255 10.85 13.40 -11.52
N GLU A 256 10.48 12.62 -12.53
CA GLU A 256 9.59 13.13 -13.57
C GLU A 256 8.27 13.56 -12.97
N THR A 257 7.63 12.73 -12.14
CA THR A 257 6.36 13.17 -11.60
C THR A 257 6.51 14.27 -10.53
N ALA A 258 7.52 14.22 -9.67
CA ALA A 258 7.66 15.27 -8.66
C ALA A 258 7.69 16.64 -9.33
N ALA A 259 8.54 16.77 -10.32
CA ALA A 259 8.65 17.99 -11.06
C ALA A 259 7.23 18.55 -11.30
N ILE A 260 6.31 17.70 -11.73
CA ILE A 260 4.93 18.14 -11.95
C ILE A 260 4.12 18.30 -10.65
N LYS A 261 3.68 17.18 -10.04
CA LYS A 261 2.87 17.18 -8.82
C LYS A 261 3.40 17.91 -7.59
N ALA A 262 4.70 18.00 -7.39
CA ALA A 262 5.22 18.67 -6.21
C ALA A 262 6.56 19.35 -6.40
N PRO A 263 6.59 20.42 -7.19
CA PRO A 263 7.85 21.15 -7.43
C PRO A 263 8.32 21.76 -6.14
N ASP A 264 9.52 22.33 -6.14
CA ASP A 264 10.04 22.98 -4.95
C ASP A 264 9.99 22.10 -3.71
N SER A 265 10.13 20.80 -3.91
CA SER A 265 10.12 19.89 -2.78
C SER A 265 11.53 19.35 -2.47
N ALA A 266 11.90 19.43 -1.19
CA ALA A 266 13.21 18.97 -0.75
C ALA A 266 13.29 17.43 -0.78
N VAL A 267 12.13 16.78 -0.90
CA VAL A 267 12.06 15.33 -0.88
C VAL A 267 11.48 14.67 -2.12
N ALA A 268 10.37 15.19 -2.61
CA ALA A 268 9.74 14.62 -3.79
C ALA A 268 10.77 14.23 -4.83
N GLY A 269 10.54 13.09 -5.46
CA GLY A 269 11.43 12.60 -6.51
C GLY A 269 12.73 11.94 -6.07
N GLN A 270 13.02 11.94 -4.78
CA GLN A 270 14.24 11.33 -4.33
C GLN A 270 14.19 10.82 -2.91
N ALA A 271 13.01 10.47 -2.42
CA ALA A 271 12.89 9.97 -1.06
C ALA A 271 13.56 8.62 -0.92
N ASN A 272 13.86 8.26 0.30
CA ASN A 272 14.50 6.98 0.59
C ASN A 272 13.91 6.44 1.88
N THR A 273 13.12 7.29 2.54
CA THR A 273 12.46 6.95 3.80
C THR A 273 10.98 7.22 3.62
N PHE A 274 10.18 6.15 3.71
CA PHE A 274 8.77 6.29 3.46
C PHE A 274 7.88 6.01 4.64
N VAL A 275 7.11 7.01 5.04
CA VAL A 275 6.17 6.87 6.16
C VAL A 275 4.76 6.68 5.64
N PHE A 276 4.17 5.54 5.99
CA PHE A 276 2.81 5.20 5.56
C PHE A 276 1.75 5.74 6.53
N PRO A 277 0.57 6.13 5.99
CA PRO A 277 -0.58 6.70 6.73
C PRO A 277 -1.08 5.78 7.84
N ASP A 278 -1.22 4.51 7.54
CA ASP A 278 -1.76 3.56 8.50
C ASP A 278 -1.22 2.19 8.23
N LEU A 279 -1.45 1.28 9.17
CA LEU A 279 -0.96 -0.08 9.07
C LEU A 279 -1.40 -0.80 7.81
N GLN A 280 -2.63 -0.56 7.39
CA GLN A 280 -3.09 -1.22 6.19
C GLN A 280 -2.19 -0.90 4.99
N SER A 281 -1.96 0.37 4.73
CA SER A 281 -1.14 0.74 3.61
C SER A 281 0.32 0.30 3.79
N GLY A 282 0.83 0.43 5.01
CA GLY A 282 2.21 0.05 5.28
C GLY A 282 2.51 -1.44 5.20
N ASN A 283 1.70 -2.26 5.84
CA ASN A 283 1.91 -3.71 5.82
C ASN A 283 1.70 -4.25 4.39
N ILE A 284 0.63 -3.85 3.70
CA ILE A 284 0.42 -4.32 2.34
C ILE A 284 1.55 -3.81 1.45
N GLY A 285 1.81 -2.51 1.57
CA GLY A 285 2.82 -1.86 0.77
C GLY A 285 4.24 -2.38 0.75
N TYR A 286 4.80 -2.70 1.93
CA TYR A 286 6.16 -3.20 1.98
C TYR A 286 6.18 -4.61 1.40
N LYS A 287 5.08 -5.34 1.59
CA LYS A 287 5.01 -6.69 1.05
C LYS A 287 4.98 -6.69 -0.47
N ILE A 288 4.37 -5.67 -1.05
CA ILE A 288 4.27 -5.54 -2.50
C ILE A 288 5.68 -5.25 -2.99
N ALA A 289 6.32 -4.26 -2.36
CA ALA A 289 7.69 -3.88 -2.72
C ALA A 289 8.65 -5.09 -2.58
N GLN A 290 8.36 -5.95 -1.61
CA GLN A 290 9.20 -7.10 -1.36
C GLN A 290 8.99 -8.13 -2.46
N ARG A 291 7.75 -8.60 -2.60
CA ARG A 291 7.39 -9.64 -3.57
C ARG A 291 7.35 -9.25 -5.05
N LEU A 292 6.74 -8.12 -5.36
CA LEU A 292 6.70 -7.71 -6.74
C LEU A 292 7.95 -6.91 -7.06
N GLY A 293 8.42 -6.08 -6.12
CA GLY A 293 9.58 -5.26 -6.38
C GLY A 293 10.91 -5.95 -6.16
N MSE A 294 10.86 -7.13 -5.56
CA MSE A 294 12.05 -7.92 -5.29
C MSE A 294 13.09 -7.25 -4.40
O MSE A 294 14.29 -7.33 -4.64
CB MSE A 294 12.66 -8.35 -6.59
CG MSE A 294 11.58 -8.76 -7.53
SE MSE A 294 12.20 -9.51 -9.14
CE MSE A 294 12.11 -11.36 -8.57
N PHE A 295 12.62 -6.57 -3.38
CA PHE A 295 13.50 -5.98 -2.42
C PHE A 295 13.59 -7.00 -1.30
N ASP A 296 14.71 -7.00 -0.61
CA ASP A 296 14.91 -7.85 0.55
C ASP A 296 14.28 -6.99 1.64
N ALA A 297 13.51 -7.57 2.53
CA ALA A 297 12.91 -6.77 3.57
C ALA A 297 13.41 -7.29 4.89
N ILE A 298 14.34 -6.55 5.51
CA ILE A 298 14.92 -6.96 6.79
C ILE A 298 13.87 -6.74 7.84
N GLY A 299 13.33 -7.88 8.31
CA GLY A 299 12.25 -8.04 9.29
C GLY A 299 11.85 -6.87 10.13
N PRO A 300 10.69 -6.92 10.81
CA PRO A 300 10.31 -5.77 11.64
C PRO A 300 11.40 -5.37 12.66
N ILE A 301 11.81 -4.10 12.61
CA ILE A 301 12.77 -3.55 13.58
C ILE A 301 11.93 -2.54 14.36
N LEU A 302 11.80 -2.77 15.67
CA LEU A 302 11.04 -1.89 16.56
C LEU A 302 11.83 -0.66 16.91
N GLN A 303 11.19 0.50 16.84
CA GLN A 303 11.84 1.75 17.19
C GLN A 303 11.07 2.57 18.23
N GLY A 304 11.83 3.28 19.05
CA GLY A 304 11.23 4.09 20.08
C GLY A 304 11.12 3.41 21.43
N LEU A 305 12.21 2.82 21.91
CA LEU A 305 12.20 2.20 23.22
C LEU A 305 13.43 2.73 23.93
N ASN A 306 13.45 2.66 25.26
CA ASN A 306 14.62 3.17 25.97
C ASN A 306 15.77 2.22 25.70
N LYS A 307 15.42 0.94 25.72
CA LYS A 307 16.37 -0.12 25.46
C LYS A 307 15.78 -0.88 24.24
N PRO A 308 16.66 -1.41 23.36
CA PRO A 308 16.22 -2.14 22.15
C PRO A 308 15.65 -3.51 22.44
N VAL A 309 14.49 -3.83 21.90
CA VAL A 309 13.89 -5.15 22.09
C VAL A 309 13.19 -5.48 20.79
N ASN A 310 13.74 -6.45 20.07
CA ASN A 310 13.17 -6.83 18.79
C ASN A 310 12.48 -8.19 18.78
N ASP A 311 11.56 -8.33 17.84
CA ASP A 311 10.79 -9.54 17.67
C ASP A 311 11.12 -10.15 16.34
N LEU A 312 11.48 -11.43 16.37
CA LEU A 312 11.83 -12.20 15.18
C LEU A 312 10.52 -12.58 14.57
N SER A 313 10.57 -13.20 13.41
CA SER A 313 9.33 -13.58 12.76
C SER A 313 8.98 -15.04 12.92
N ARG A 314 7.71 -15.30 12.66
CA ARG A 314 7.17 -16.63 12.69
C ARG A 314 7.95 -17.38 11.61
N GLY A 315 8.85 -18.27 12.02
CA GLY A 315 9.64 -19.03 11.05
C GLY A 315 10.85 -18.31 10.48
N SER A 316 11.73 -17.88 11.38
CA SER A 316 12.94 -17.17 11.00
C SER A 316 14.05 -18.20 10.89
N SER A 317 15.20 -17.79 10.42
CA SER A 317 16.31 -18.71 10.30
C SER A 317 17.36 -18.30 11.31
N ALA A 318 18.36 -19.13 11.50
CA ALA A 318 19.41 -18.79 12.44
C ALA A 318 20.18 -17.57 11.90
N GLU A 319 20.25 -17.45 10.59
CA GLU A 319 20.97 -16.31 10.03
C GLU A 319 20.15 -15.07 10.33
N ASP A 320 18.83 -15.21 10.21
CA ASP A 320 17.91 -14.11 10.46
C ASP A 320 18.09 -13.59 11.89
N ILE A 321 18.11 -14.51 12.84
CA ILE A 321 18.30 -14.15 14.23
C ILE A 321 19.63 -13.43 14.38
N TYR A 322 20.67 -14.03 13.83
CA TYR A 322 22.00 -13.44 13.86
C TYR A 322 21.98 -11.97 13.42
N LYS A 323 21.30 -11.67 12.32
CA LYS A 323 21.21 -10.28 11.80
C LYS A 323 20.42 -9.34 12.71
N LEU A 324 19.29 -9.81 13.21
CA LEU A 324 18.44 -9.00 14.07
C LEU A 324 19.22 -8.57 15.29
N ALA A 325 19.82 -9.56 15.96
CA ALA A 325 20.62 -9.33 17.15
C ALA A 325 21.70 -8.30 16.89
N ILE A 326 22.32 -8.36 15.73
CA ILE A 326 23.35 -7.39 15.39
C ILE A 326 22.69 -6.03 15.32
N ILE A 327 21.53 -5.97 14.68
CA ILE A 327 20.81 -4.71 14.57
C ILE A 327 20.46 -4.25 15.98
N THR A 328 19.87 -5.13 16.78
CA THR A 328 19.54 -4.80 18.15
C THR A 328 20.75 -4.17 18.85
N ALA A 329 21.86 -4.90 18.91
CA ALA A 329 23.08 -4.39 19.52
C ALA A 329 23.45 -3.01 18.96
N ALA A 330 23.44 -2.86 17.65
CA ALA A 330 23.78 -1.58 17.06
C ALA A 330 22.85 -0.48 17.60
N GLN A 331 21.68 -0.90 18.02
CA GLN A 331 20.71 0.02 18.58
C GLN A 331 21.11 0.41 19.99
N ALA A 332 21.36 -0.58 20.84
CA ALA A 332 21.75 -0.32 22.23
C ALA A 332 23.00 0.57 22.31
N ILE A 333 23.69 0.74 21.18
CA ILE A 333 24.85 1.61 21.15
C ILE A 333 24.38 3.06 21.08
N GLU A 334 23.27 3.31 20.39
CA GLU A 334 22.75 4.67 20.31
C GLU A 334 22.16 5.06 21.65
N SER A 335 22.35 4.19 22.63
CA SER A 335 21.87 4.43 23.98
C SER A 335 23.10 4.66 24.88
N MSE B 7 1.88 -13.35 -23.45
CA MSE B 7 0.75 -12.41 -23.24
C MSE B 7 1.21 -10.98 -22.94
O MSE B 7 1.25 -10.54 -21.79
CB MSE B 7 -0.08 -12.93 -22.09
CG MSE B 7 0.74 -13.26 -20.87
SE MSE B 7 -0.39 -12.95 -19.35
CE MSE B 7 -2.10 -13.51 -20.08
N SER B 8 1.53 -10.26 -24.01
CA SER B 8 2.00 -8.89 -23.98
C SER B 8 0.90 -7.82 -23.99
N ILE B 9 1.31 -6.57 -23.82
CA ILE B 9 0.34 -5.51 -23.82
C ILE B 9 -0.23 -5.40 -25.21
N ARG B 10 0.58 -5.76 -26.20
CA ARG B 10 0.11 -5.70 -27.59
C ARG B 10 -0.85 -6.84 -27.87
N SER B 11 -0.63 -7.97 -27.23
CA SER B 11 -1.54 -9.09 -27.44
C SER B 11 -2.85 -8.76 -26.76
N LEU B 12 -2.76 -8.19 -25.57
CA LEU B 12 -3.93 -7.82 -24.82
C LEU B 12 -4.78 -6.85 -25.62
N PHE B 13 -4.15 -5.92 -26.30
CA PHE B 13 -4.95 -4.97 -27.05
C PHE B 13 -5.38 -5.46 -28.41
N GLY B 14 -4.73 -6.53 -28.87
CA GLY B 14 -5.11 -7.11 -30.14
C GLY B 14 -6.38 -7.89 -29.87
N GLY B 15 -6.57 -8.25 -28.60
CA GLY B 15 -7.75 -9.00 -28.17
C GLY B 15 -8.92 -8.08 -27.97
N LEU B 16 -8.68 -6.95 -27.34
CA LEU B 16 -9.73 -5.97 -27.11
C LEU B 16 -10.10 -5.41 -28.44
N ARG B 17 -9.13 -5.25 -29.34
CA ARG B 17 -9.41 -4.70 -30.67
C ARG B 17 -10.28 -5.62 -31.52
N GLU B 18 -10.14 -6.91 -31.34
CA GLU B 18 -10.96 -7.81 -32.09
C GLU B 18 -12.36 -7.75 -31.53
N LYS B 19 -12.47 -7.57 -30.21
CA LYS B 19 -13.77 -7.50 -29.59
C LYS B 19 -14.61 -6.28 -30.01
N ILE B 20 -13.98 -5.19 -30.43
CA ILE B 20 -14.78 -4.02 -30.80
C ILE B 20 -14.81 -3.65 -32.28
N LEU B 21 -13.94 -4.27 -33.05
CA LEU B 21 -13.87 -3.99 -34.47
C LEU B 21 -15.16 -4.31 -35.19
N GLY B 22 -15.70 -3.31 -35.87
CA GLY B 22 -16.93 -3.53 -36.59
C GLY B 22 -18.16 -3.28 -35.77
N LYS B 23 -18.09 -3.50 -34.47
CA LYS B 23 -19.28 -3.28 -33.66
C LYS B 23 -19.73 -1.80 -33.62
N ASN B 24 -19.10 -0.97 -34.44
CA ASN B 24 -19.36 0.46 -34.53
C ASN B 24 -19.80 1.23 -33.26
N MSE B 25 -19.08 1.01 -32.17
CA MSE B 25 -19.38 1.70 -30.93
C MSE B 25 -19.09 3.20 -31.08
O MSE B 25 -18.13 3.61 -31.74
CB MSE B 25 -18.55 1.11 -29.80
CG MSE B 25 -19.03 -0.24 -29.33
SE MSE B 25 -20.83 -0.21 -28.59
CE MSE B 25 -21.78 -0.63 -30.18
N LYS B 26 -19.88 4.04 -30.42
CA LYS B 26 -19.67 5.47 -30.53
C LYS B 26 -19.17 6.13 -29.24
N ILE B 27 -17.97 6.69 -29.26
CA ILE B 27 -17.44 7.34 -28.07
C ILE B 27 -17.34 8.85 -28.23
N VAL B 28 -17.69 9.54 -27.17
CA VAL B 28 -17.66 10.99 -27.17
C VAL B 28 -16.31 11.47 -26.66
N PHE B 29 -15.73 12.43 -27.37
CA PHE B 29 -14.46 13.03 -26.98
C PHE B 29 -14.66 14.52 -26.73
N PRO B 30 -15.01 14.86 -25.50
CA PRO B 30 -15.26 16.24 -25.11
C PRO B 30 -14.13 17.21 -25.47
N GLU B 31 -12.92 16.75 -25.33
CA GLU B 31 -11.76 17.58 -25.58
C GLU B 31 -11.31 17.69 -27.02
N GLY B 32 -12.14 18.36 -27.82
CA GLY B 32 -11.83 18.57 -29.23
C GLY B 32 -10.68 19.56 -29.40
N ASN B 33 -10.28 20.18 -28.28
CA ASN B 33 -9.17 21.14 -28.24
C ASN B 33 -7.85 20.40 -28.43
N ASP B 34 -7.46 19.68 -27.39
CA ASP B 34 -6.24 18.89 -27.34
C ASP B 34 -5.94 18.02 -28.55
N GLU B 35 -4.78 18.25 -29.14
CA GLU B 35 -4.35 17.51 -30.32
C GLU B 35 -4.04 16.03 -30.07
N ARG B 36 -3.83 15.66 -28.82
CA ARG B 36 -3.60 14.26 -28.52
C ARG B 36 -4.94 13.54 -28.81
N VAL B 37 -6.00 14.04 -28.20
CA VAL B 37 -7.30 13.46 -28.38
C VAL B 37 -7.59 13.36 -29.88
N VAL B 38 -7.42 14.46 -30.60
CA VAL B 38 -7.69 14.43 -32.02
C VAL B 38 -6.89 13.39 -32.76
N ARG B 39 -5.58 13.33 -32.56
CA ARG B 39 -4.82 12.35 -33.32
C ARG B 39 -5.18 10.92 -32.93
N ALA B 40 -5.76 10.75 -31.75
CA ALA B 40 -6.18 9.42 -31.28
C ALA B 40 -7.55 9.13 -31.87
N ALA B 41 -8.43 10.13 -31.86
CA ALA B 41 -9.75 9.94 -32.40
C ALA B 41 -9.56 9.54 -33.83
N ALA B 42 -8.81 10.34 -34.58
CA ALA B 42 -8.53 10.11 -35.98
C ALA B 42 -8.01 8.67 -36.22
N ARG B 43 -7.08 8.25 -35.39
CA ARG B 43 -6.54 6.91 -35.52
C ARG B 43 -7.57 5.81 -35.33
N LEU B 44 -8.36 5.92 -34.27
CA LEU B 44 -9.44 4.97 -33.98
C LEU B 44 -10.48 4.94 -35.13
N LYS B 45 -10.88 6.11 -35.62
CA LYS B 45 -11.84 6.21 -36.72
C LYS B 45 -11.40 5.49 -37.97
N PHE B 46 -10.18 5.74 -38.44
CA PHE B 46 -9.74 5.07 -39.66
C PHE B 46 -9.13 3.68 -39.50
N GLU B 47 -9.28 3.09 -38.33
CA GLU B 47 -8.77 1.74 -38.14
C GLU B 47 -10.00 0.84 -38.00
N GLY B 48 -11.15 1.49 -37.89
CA GLY B 48 -12.40 0.78 -37.78
C GLY B 48 -12.76 0.28 -36.41
N LEU B 49 -12.26 0.94 -35.36
CA LEU B 49 -12.54 0.52 -34.01
C LEU B 49 -13.72 1.20 -33.32
N LEU B 50 -14.04 2.44 -33.70
CA LEU B 50 -15.17 3.16 -33.11
C LEU B 50 -15.38 4.48 -33.83
N GLU B 51 -16.55 5.09 -33.67
CA GLU B 51 -16.76 6.39 -34.26
C GLU B 51 -16.61 7.45 -33.19
N PRO B 52 -15.70 8.39 -33.42
CA PRO B 52 -15.48 9.44 -32.42
C PRO B 52 -16.52 10.49 -32.59
N ILE B 53 -16.96 11.05 -31.48
CA ILE B 53 -17.91 12.14 -31.52
C ILE B 53 -17.15 13.27 -30.80
N ILE B 54 -16.50 14.10 -31.60
CA ILE B 54 -15.71 15.21 -31.08
C ILE B 54 -16.53 16.43 -30.74
N LEU B 55 -16.24 17.05 -29.60
CA LEU B 55 -16.95 18.25 -29.18
C LEU B 55 -16.09 19.51 -29.35
N GLY B 56 -16.72 20.61 -29.77
CA GLY B 56 -16.00 21.86 -29.97
C GLY B 56 -16.53 22.61 -31.19
N GLN B 57 -16.07 23.82 -31.42
CA GLN B 57 -16.53 24.59 -32.57
C GLN B 57 -16.19 23.86 -33.85
N SER B 58 -17.23 23.40 -34.56
CA SER B 58 -17.05 22.64 -35.78
C SER B 58 -15.84 23.05 -36.62
N GLU B 59 -15.75 24.32 -36.97
CA GLU B 59 -14.63 24.79 -37.78
C GLU B 59 -13.31 24.64 -37.03
N GLU B 60 -13.29 25.03 -35.76
CA GLU B 60 -12.09 24.93 -34.93
C GLU B 60 -11.44 23.57 -34.98
N VAL B 61 -12.11 22.59 -34.37
CA VAL B 61 -11.65 21.21 -34.30
C VAL B 61 -11.27 20.72 -35.69
N ARG B 62 -12.09 21.06 -36.68
CA ARG B 62 -11.81 20.65 -38.04
C ARG B 62 -10.46 21.24 -38.49
N ASN B 63 -10.06 22.36 -37.90
CA ASN B 63 -8.78 22.99 -38.24
C ASN B 63 -7.64 22.13 -37.69
N LEU B 64 -7.67 21.89 -36.40
CA LEU B 64 -6.66 21.07 -35.75
C LEU B 64 -6.50 19.73 -36.49
N LEU B 65 -7.59 19.20 -37.03
CA LEU B 65 -7.52 17.96 -37.76
C LEU B 65 -6.60 18.06 -38.96
N THR B 66 -6.57 19.22 -39.62
CA THR B 66 -5.71 19.42 -40.78
C THR B 66 -4.33 19.90 -40.33
N LYS B 67 -4.31 20.72 -39.29
CA LYS B 67 -3.05 21.22 -38.75
C LYS B 67 -2.17 20.03 -38.42
N LEU B 68 -2.82 18.92 -38.09
CA LEU B 68 -2.13 17.67 -37.75
C LEU B 68 -2.02 16.75 -38.92
N GLY B 69 -2.39 17.26 -40.10
CA GLY B 69 -2.31 16.54 -41.37
C GLY B 69 -3.35 15.48 -41.66
N PHE B 70 -4.53 15.59 -41.06
CA PHE B 70 -5.61 14.64 -41.26
C PHE B 70 -6.67 15.10 -42.27
N ALA B 71 -7.39 14.15 -42.85
CA ALA B 71 -8.46 14.46 -43.76
C ALA B 71 -9.36 15.39 -42.94
N ASP B 72 -10.07 16.26 -43.61
CA ASP B 72 -10.90 17.25 -42.94
C ASP B 72 -12.38 16.90 -42.77
N GLN B 73 -12.83 15.90 -43.51
CA GLN B 73 -14.23 15.54 -43.48
C GLN B 73 -14.58 14.20 -42.88
N ASP B 74 -15.88 14.08 -42.60
CA ASP B 74 -16.56 12.91 -42.06
C ASP B 74 -16.54 12.68 -40.56
N TYR B 75 -16.01 13.65 -39.82
CA TYR B 75 -15.98 13.49 -38.39
C TYR B 75 -17.28 14.03 -37.87
N THR B 76 -17.80 13.38 -36.86
CA THR B 76 -19.06 13.81 -36.30
C THR B 76 -18.80 14.81 -35.20
N ILE B 77 -18.50 16.03 -35.60
CA ILE B 77 -18.20 17.10 -34.65
C ILE B 77 -19.46 17.78 -34.18
N ILE B 78 -19.54 18.09 -32.90
CA ILE B 78 -20.72 18.76 -32.34
C ILE B 78 -20.34 19.91 -31.41
N ASN B 79 -20.98 21.05 -31.56
CA ASN B 79 -20.69 22.21 -30.72
C ASN B 79 -21.69 22.37 -29.57
N PRO B 80 -21.23 22.24 -28.32
CA PRO B 80 -22.13 22.39 -27.18
C PRO B 80 -22.97 23.68 -27.17
N ASN B 81 -22.34 24.82 -27.42
CA ASN B 81 -23.08 26.07 -27.43
C ASN B 81 -24.13 26.06 -28.51
N GLU B 82 -23.69 25.78 -29.73
CA GLU B 82 -24.60 25.74 -30.84
C GLU B 82 -25.07 24.34 -31.16
N TYR B 83 -26.03 23.83 -30.38
CA TYR B 83 -26.54 22.50 -30.61
C TYR B 83 -27.94 22.46 -31.27
N ALA B 84 -27.99 21.80 -32.41
CA ALA B 84 -29.21 21.66 -33.19
C ALA B 84 -30.34 20.94 -32.44
N ASP B 85 -30.23 20.84 -31.11
CA ASP B 85 -31.25 20.16 -30.33
C ASP B 85 -31.01 20.43 -28.87
N PHE B 86 -30.33 21.52 -28.57
CA PHE B 86 -30.03 21.86 -27.20
C PHE B 86 -31.33 22.00 -26.41
N ASP B 87 -32.44 21.66 -27.05
CA ASP B 87 -33.74 21.74 -26.41
C ASP B 87 -34.15 20.40 -25.82
N LYS B 88 -34.30 19.40 -26.67
CA LYS B 88 -34.66 18.06 -26.21
C LYS B 88 -33.75 17.67 -25.04
N MSE B 89 -32.48 18.07 -25.15
CA MSE B 89 -31.42 17.80 -24.17
C MSE B 89 -31.52 18.65 -22.90
O MSE B 89 -31.43 18.12 -21.79
CB MSE B 89 -30.03 18.01 -24.82
CG MSE B 89 -28.80 17.63 -23.93
SE MSE B 89 -26.93 17.99 -24.67
CE MSE B 89 -26.53 19.50 -23.59
N LYS B 90 -31.70 19.96 -23.06
CA LYS B 90 -31.79 20.84 -21.91
C LYS B 90 -32.90 20.36 -20.99
N GLU B 91 -33.93 19.75 -21.57
CA GLU B 91 -35.03 19.26 -20.78
C GLU B 91 -34.68 17.92 -20.15
N ALA B 92 -34.27 16.96 -20.99
CA ALA B 92 -33.88 15.64 -20.50
C ALA B 92 -32.97 15.75 -19.29
N PHE B 93 -32.39 16.92 -19.09
CA PHE B 93 -31.51 17.15 -17.95
C PHE B 93 -32.28 17.37 -16.65
N VAL B 94 -33.21 18.33 -16.63
CA VAL B 94 -33.98 18.59 -15.40
C VAL B 94 -34.81 17.32 -15.16
N GLU B 95 -35.14 16.66 -16.27
CA GLU B 95 -35.92 15.45 -16.21
C GLU B 95 -35.15 14.36 -15.46
N VAL B 96 -34.10 14.76 -14.76
CA VAL B 96 -33.31 13.78 -14.03
C VAL B 96 -32.82 14.32 -12.71
N ARG B 97 -32.83 15.64 -12.56
CA ARG B 97 -32.36 16.25 -11.31
C ARG B 97 -33.49 16.88 -10.48
N LYS B 98 -34.75 16.59 -10.83
CA LYS B 98 -35.95 17.17 -10.18
C LYS B 98 -35.76 18.51 -9.43
N GLY B 99 -35.64 18.43 -8.10
CA GLY B 99 -35.45 19.59 -7.22
C GLY B 99 -34.41 20.53 -7.85
N LYS B 100 -33.20 19.97 -8.11
CA LYS B 100 -32.13 20.70 -8.73
C LYS B 100 -32.44 20.87 -10.21
N ALA B 101 -33.34 20.04 -10.75
CA ALA B 101 -33.77 20.10 -12.15
C ALA B 101 -34.27 21.52 -12.42
N THR B 102 -33.66 22.23 -13.39
CA THR B 102 -34.01 23.64 -13.67
C THR B 102 -33.62 24.10 -15.09
N LEU B 103 -34.61 24.11 -16.00
CA LEU B 103 -34.36 24.46 -17.40
C LEU B 103 -33.46 25.67 -17.57
N GLU B 104 -33.52 26.61 -16.63
CA GLU B 104 -32.66 27.80 -16.68
C GLU B 104 -31.22 27.42 -16.36
N ASP B 105 -31.06 26.44 -15.49
CA ASP B 105 -29.73 25.97 -15.11
C ASP B 105 -29.19 25.17 -16.27
N ALA B 106 -29.95 24.13 -16.64
CA ALA B 106 -29.58 23.23 -17.72
C ALA B 106 -29.01 23.94 -18.93
N ASP B 107 -29.56 25.10 -19.26
CA ASP B 107 -29.11 25.84 -20.43
C ASP B 107 -27.68 26.35 -20.30
N LYS B 108 -27.24 26.50 -19.06
CA LYS B 108 -25.90 27.00 -18.81
C LYS B 108 -24.94 25.85 -18.55
N MSE B 109 -25.40 24.84 -17.81
CA MSE B 109 -24.56 23.70 -17.48
C MSE B 109 -24.26 22.80 -18.65
O MSE B 109 -23.11 22.51 -18.93
CB MSE B 109 -25.21 22.86 -16.39
CG MSE B 109 -25.38 23.59 -15.10
SE MSE B 109 -25.80 22.38 -13.70
CE MSE B 109 -24.01 21.79 -13.30
N LEU B 110 -25.30 22.35 -19.35
CA LEU B 110 -25.12 21.48 -20.49
C LEU B 110 -24.30 22.14 -21.59
N ARG B 111 -23.72 23.28 -21.25
CA ARG B 111 -22.90 24.02 -22.19
C ARG B 111 -21.51 23.39 -22.07
N ASP B 112 -21.12 23.09 -20.83
CA ASP B 112 -19.82 22.49 -20.49
C ASP B 112 -19.61 21.16 -21.20
N VAL B 113 -18.57 21.11 -22.03
CA VAL B 113 -18.24 19.94 -22.84
C VAL B 113 -18.40 18.56 -22.19
N ASN B 114 -18.13 18.45 -20.89
CA ASN B 114 -18.29 17.18 -20.21
C ASN B 114 -19.75 16.86 -19.93
N TYR B 115 -20.50 17.80 -19.37
CA TYR B 115 -21.91 17.55 -19.15
C TYR B 115 -22.53 17.16 -20.47
N PHE B 116 -22.28 17.99 -21.48
CA PHE B 116 -22.81 17.75 -22.81
C PHE B 116 -22.52 16.31 -23.17
N GLY B 117 -21.26 15.92 -23.08
CA GLY B 117 -20.87 14.57 -23.40
C GLY B 117 -21.69 13.55 -22.63
N VAL B 118 -21.67 13.62 -21.31
CA VAL B 118 -22.41 12.67 -20.50
C VAL B 118 -23.85 12.62 -21.01
N MSE B 119 -24.41 13.80 -21.24
CA MSE B 119 -25.76 13.91 -21.74
C MSE B 119 -25.90 13.10 -23.02
O MSE B 119 -26.71 12.20 -23.10
CB MSE B 119 -26.12 15.37 -21.98
CG MSE B 119 -27.54 15.72 -21.61
SE MSE B 119 -28.02 15.33 -19.79
CE MSE B 119 -28.86 13.64 -20.10
N LEU B 120 -25.08 13.40 -24.01
CA LEU B 120 -25.13 12.66 -25.27
C LEU B 120 -25.13 11.15 -25.06
N VAL B 121 -24.50 10.69 -23.99
CA VAL B 121 -24.42 9.26 -23.74
C VAL B 121 -25.72 8.83 -23.10
N LYS B 122 -26.18 9.61 -22.12
CA LYS B 122 -27.44 9.32 -21.43
C LYS B 122 -28.58 9.19 -22.43
N MSE B 123 -28.63 10.13 -23.37
CA MSE B 123 -29.64 10.18 -24.40
C MSE B 123 -29.42 9.15 -25.49
O MSE B 123 -29.86 9.35 -26.62
CB MSE B 123 -29.69 11.56 -25.04
CG MSE B 123 -30.11 12.68 -24.10
SE MSE B 123 -29.87 14.36 -24.97
CE MSE B 123 -30.67 13.95 -26.66
N GLY B 124 -28.72 8.06 -25.18
CA GLY B 124 -28.48 7.02 -26.17
C GLY B 124 -27.92 7.45 -27.51
N LEU B 125 -27.37 8.67 -27.56
CA LEU B 125 -26.76 9.27 -28.77
C LEU B 125 -25.32 8.89 -28.95
N ALA B 126 -24.78 8.18 -27.95
CA ALA B 126 -23.39 7.69 -27.93
C ALA B 126 -23.28 6.58 -26.86
N ASP B 127 -22.53 5.53 -27.21
CA ASP B 127 -22.32 4.39 -26.34
C ASP B 127 -21.42 4.62 -25.15
N GLY B 128 -20.52 5.59 -25.26
CA GLY B 128 -19.62 5.86 -24.16
C GLY B 128 -18.85 7.15 -24.30
N MSE B 129 -17.92 7.38 -23.37
CA MSE B 129 -17.09 8.59 -23.35
C MSE B 129 -15.72 8.47 -22.67
O MSE B 129 -15.54 7.77 -21.67
CB MSE B 129 -17.88 9.71 -22.69
CG MSE B 129 -17.19 11.01 -22.59
SE MSE B 129 -18.33 12.35 -21.79
CE MSE B 129 -17.48 12.62 -20.08
N VAL B 130 -14.77 9.17 -23.25
CA VAL B 130 -13.38 9.23 -22.77
C VAL B 130 -13.07 10.73 -22.65
N SER B 131 -12.62 11.14 -21.49
CA SER B 131 -12.28 12.54 -21.27
C SER B 131 -11.26 12.66 -20.16
N GLY B 132 -10.90 13.89 -19.82
CA GLY B 132 -9.93 14.09 -18.76
C GLY B 132 -8.48 14.38 -19.14
N ALA B 133 -8.22 14.72 -20.40
CA ALA B 133 -6.88 15.04 -20.84
C ALA B 133 -6.57 16.52 -20.60
N ILE B 134 -7.59 17.25 -20.15
CA ILE B 134 -7.50 18.69 -19.99
C ILE B 134 -8.38 19.14 -18.82
N HIS B 135 -9.08 18.19 -18.20
CA HIS B 135 -9.95 18.55 -17.10
C HIS B 135 -9.63 17.71 -15.92
N SER B 136 -10.14 18.12 -14.76
CA SER B 136 -9.91 17.37 -13.53
C SER B 136 -10.75 16.09 -13.58
N THR B 137 -10.41 15.16 -12.71
CA THR B 137 -11.14 13.93 -12.68
C THR B 137 -12.58 14.27 -12.31
N ALA B 138 -12.72 15.22 -11.39
CA ALA B 138 -14.03 15.63 -10.92
C ALA B 138 -14.94 16.08 -12.06
N ASP B 139 -14.38 16.80 -13.04
CA ASP B 139 -15.17 17.33 -14.16
C ASP B 139 -15.68 16.26 -15.13
N THR B 140 -15.35 15.01 -14.84
CA THR B 140 -15.80 13.92 -15.69
C THR B 140 -16.61 12.98 -14.79
N VAL B 141 -16.09 12.70 -13.60
CA VAL B 141 -16.79 11.79 -12.70
C VAL B 141 -18.08 12.38 -12.12
N ARG B 142 -18.19 13.70 -12.05
CA ARG B 142 -19.37 14.33 -11.48
C ARG B 142 -20.58 14.27 -12.39
N PRO B 143 -20.48 14.77 -13.64
CA PRO B 143 -21.65 14.71 -14.52
C PRO B 143 -22.06 13.26 -14.72
N ALA B 144 -21.06 12.41 -14.90
CA ALA B 144 -21.29 11.00 -15.12
C ALA B 144 -22.12 10.40 -13.99
N LEU B 145 -21.92 10.86 -12.76
CA LEU B 145 -22.68 10.36 -11.62
C LEU B 145 -24.08 10.96 -11.52
N GLN B 146 -24.24 12.21 -11.92
CA GLN B 146 -25.54 12.85 -11.85
C GLN B 146 -26.47 12.33 -12.93
N ILE B 147 -26.07 12.48 -14.19
CA ILE B 147 -26.86 12.05 -15.35
C ILE B 147 -26.93 10.51 -15.52
N ILE B 148 -25.88 9.91 -16.03
CA ILE B 148 -25.82 8.44 -16.16
C ILE B 148 -25.62 8.11 -14.70
N LYS B 149 -25.81 6.88 -14.26
CA LYS B 149 -25.55 6.71 -12.84
C LYS B 149 -24.95 5.36 -12.56
N THR B 150 -24.84 5.02 -11.29
CA THR B 150 -24.31 3.74 -10.93
C THR B 150 -25.21 2.66 -11.54
N LYS B 151 -24.68 1.48 -11.81
CA LYS B 151 -25.52 0.40 -12.35
C LYS B 151 -26.50 0.02 -11.26
N PRO B 152 -27.57 -0.69 -11.63
CA PRO B 152 -28.60 -1.13 -10.69
C PRO B 152 -28.07 -1.89 -9.44
N GLY B 153 -27.12 -2.78 -9.61
CA GLY B 153 -26.62 -3.49 -8.45
C GLY B 153 -25.60 -2.75 -7.61
N ILE B 154 -25.02 -1.68 -8.15
CA ILE B 154 -23.99 -0.95 -7.42
C ILE B 154 -24.42 0.44 -6.91
N SER B 155 -23.79 0.88 -5.84
CA SER B 155 -24.08 2.17 -5.27
C SER B 155 -22.96 3.17 -5.50
N ARG B 156 -21.74 2.67 -5.74
CA ARG B 156 -20.60 3.54 -5.98
C ARG B 156 -19.66 3.08 -7.07
N THR B 157 -19.02 4.02 -7.76
CA THR B 157 -18.07 3.64 -8.80
C THR B 157 -16.71 3.38 -8.20
N SER B 158 -15.86 2.74 -8.99
CA SER B 158 -14.53 2.43 -8.54
C SER B 158 -13.59 2.42 -9.72
N GLY B 159 -12.32 2.62 -9.41
CA GLY B 159 -11.31 2.66 -10.44
C GLY B 159 -10.32 1.52 -10.35
N VAL B 160 -10.38 0.63 -11.33
CA VAL B 160 -9.48 -0.50 -11.41
C VAL B 160 -8.28 -0.25 -12.33
N PHE B 161 -7.18 -0.86 -11.95
CA PHE B 161 -5.95 -0.76 -12.71
C PHE B 161 -5.54 -2.14 -13.21
N LEU B 162 -5.34 -2.25 -14.53
CA LEU B 162 -4.90 -3.50 -15.16
C LEU B 162 -3.39 -3.44 -14.95
N MSE B 163 -2.87 -4.35 -14.14
CA MSE B 163 -1.46 -4.39 -13.83
C MSE B 163 -0.76 -5.46 -14.65
O MSE B 163 -0.88 -6.66 -14.40
CB MSE B 163 -1.30 -4.64 -12.34
CG MSE B 163 -2.02 -3.63 -11.46
SE MSE B 163 -1.29 -1.89 -11.58
CE MSE B 163 0.42 -2.35 -10.80
N ASN B 164 0.00 -5.01 -15.64
CA ASN B 164 0.66 -5.95 -16.53
C ASN B 164 2.19 -5.93 -16.49
N ARG B 165 2.77 -7.12 -16.45
CA ARG B 165 4.21 -7.24 -16.46
C ARG B 165 4.53 -8.43 -17.36
N GLU B 166 4.51 -8.19 -18.68
CA GLU B 166 4.75 -9.26 -19.64
C GLU B 166 5.99 -10.11 -19.53
N ASN B 167 7.15 -9.51 -19.27
CA ASN B 167 8.37 -10.29 -19.14
C ASN B 167 8.27 -11.38 -18.08
N THR B 168 7.23 -11.30 -17.26
CA THR B 168 7.02 -12.27 -16.19
C THR B 168 5.75 -13.08 -16.35
N SER B 169 5.01 -12.83 -17.41
CA SER B 169 3.76 -13.55 -17.65
C SER B 169 2.73 -13.31 -16.56
N GLU B 170 2.69 -12.08 -16.01
CA GLU B 170 1.77 -11.68 -14.92
C GLU B 170 0.80 -10.53 -15.28
N ARG B 171 -0.49 -10.78 -15.03
CA ARG B 171 -1.54 -9.81 -15.33
C ARG B 171 -2.52 -9.79 -14.15
N TYR B 172 -2.61 -8.63 -13.52
CA TYR B 172 -3.48 -8.47 -12.36
C TYR B 172 -4.42 -7.29 -12.47
N VAL B 173 -5.34 -7.18 -11.50
CA VAL B 173 -6.25 -6.03 -11.41
C VAL B 173 -6.26 -5.49 -9.97
N PHE B 174 -6.26 -4.18 -9.82
CA PHE B 174 -6.25 -3.59 -8.48
C PHE B 174 -7.51 -2.78 -8.07
N ALA B 175 -7.88 -2.95 -6.79
CA ALA B 175 -9.06 -2.45 -6.07
C ALA B 175 -9.39 -1.03 -5.80
N ASP B 176 -10.03 -0.35 -6.72
CA ASP B 176 -10.30 1.07 -6.47
C ASP B 176 -9.11 1.77 -5.88
N CYS B 177 -8.32 2.30 -6.80
CA CYS B 177 -7.14 3.01 -6.46
C CYS B 177 -7.39 4.43 -6.92
N ALA B 178 -8.65 4.84 -6.96
CA ALA B 178 -8.92 6.18 -7.42
C ALA B 178 -10.14 6.92 -6.85
N ILE B 179 -11.25 6.22 -6.65
CA ILE B 179 -12.48 6.87 -6.16
C ILE B 179 -12.85 6.87 -4.66
N ASN B 180 -13.18 5.72 -4.08
CA ASN B 180 -13.60 5.70 -2.67
C ASN B 180 -12.56 5.90 -1.59
N ILE B 181 -12.55 7.07 -0.97
CA ILE B 181 -11.59 7.32 0.10
C ILE B 181 -11.52 6.16 1.13
N ASP B 182 -12.65 5.79 1.71
CA ASP B 182 -12.70 4.71 2.68
C ASP B 182 -14.02 3.96 2.53
N PRO B 183 -14.00 2.87 1.76
CA PRO B 183 -15.17 2.02 1.49
C PRO B 183 -15.78 1.32 2.69
N THR B 184 -17.08 1.11 2.57
CA THR B 184 -17.93 0.47 3.55
C THR B 184 -17.84 -1.00 3.29
N ALA B 185 -17.96 -1.84 4.30
CA ALA B 185 -17.91 -3.26 4.01
C ALA B 185 -18.86 -3.52 2.83
N GLN B 186 -20.00 -2.81 2.80
CA GLN B 186 -20.96 -3.00 1.69
C GLN B 186 -20.37 -2.61 0.34
N GLU B 187 -19.88 -1.37 0.29
CA GLU B 187 -19.28 -0.82 -0.93
C GLU B 187 -18.08 -1.65 -1.39
N LEU B 188 -17.26 -2.04 -0.41
CA LEU B 188 -16.07 -2.85 -0.62
C LEU B 188 -16.44 -4.16 -1.32
N ALA B 189 -17.56 -4.72 -0.92
CA ALA B 189 -18.01 -5.96 -1.54
C ALA B 189 -18.49 -5.68 -2.96
N GLU B 190 -19.17 -4.55 -3.15
CA GLU B 190 -19.65 -4.19 -4.48
C GLU B 190 -18.44 -3.98 -5.38
N ILE B 191 -17.45 -3.24 -4.87
CA ILE B 191 -16.20 -2.98 -5.59
C ILE B 191 -15.56 -4.31 -6.02
N ALA B 192 -15.55 -5.28 -5.11
CA ALA B 192 -14.99 -6.58 -5.41
C ALA B 192 -15.78 -7.29 -6.53
N VAL B 193 -17.08 -7.38 -6.34
CA VAL B 193 -17.92 -8.04 -7.32
C VAL B 193 -17.82 -7.35 -8.67
N ASN B 194 -17.69 -6.03 -8.60
CA ASN B 194 -17.57 -5.18 -9.80
C ASN B 194 -16.26 -5.45 -10.55
N THR B 195 -15.17 -5.46 -9.81
CA THR B 195 -13.87 -5.74 -10.36
C THR B 195 -13.82 -7.07 -11.14
N ALA B 196 -14.35 -8.14 -10.56
CA ALA B 196 -14.31 -9.46 -11.19
C ALA B 196 -14.93 -9.48 -12.59
N GLU B 197 -15.90 -8.60 -12.80
CA GLU B 197 -16.58 -8.51 -14.09
C GLU B 197 -15.64 -7.77 -15.07
N THR B 198 -14.99 -6.73 -14.56
CA THR B 198 -14.08 -5.95 -15.37
C THR B 198 -12.90 -6.83 -15.75
N ALA B 199 -12.33 -7.49 -14.76
CA ALA B 199 -11.20 -8.39 -14.98
C ALA B 199 -11.45 -9.30 -16.15
N LYS B 200 -12.70 -9.69 -16.35
CA LYS B 200 -13.02 -10.60 -17.42
C LYS B 200 -12.81 -9.98 -18.78
N ILE B 201 -13.01 -8.67 -18.87
CA ILE B 201 -12.84 -7.95 -20.14
C ILE B 201 -11.41 -8.04 -20.62
N PHE B 202 -10.50 -8.19 -19.67
CA PHE B 202 -9.08 -8.29 -19.92
C PHE B 202 -8.59 -9.73 -19.92
N ASP B 203 -9.51 -10.65 -20.20
CA ASP B 203 -9.21 -12.07 -20.25
C ASP B 203 -8.72 -12.72 -18.94
N ILE B 204 -8.98 -12.09 -17.78
CA ILE B 204 -8.53 -12.66 -16.50
C ILE B 204 -9.61 -13.57 -15.93
N ASP B 205 -9.20 -14.63 -15.23
CA ASP B 205 -10.16 -15.51 -14.59
C ASP B 205 -9.98 -15.21 -13.11
N PRO B 206 -10.79 -14.26 -12.58
CA PRO B 206 -10.73 -13.82 -11.19
C PRO B 206 -10.49 -14.84 -10.13
N LYS B 207 -9.65 -14.41 -9.21
CA LYS B 207 -9.27 -15.13 -8.00
C LYS B 207 -9.00 -13.90 -7.14
N ILE B 208 -10.07 -13.39 -6.55
CA ILE B 208 -10.05 -12.20 -5.74
C ILE B 208 -9.56 -12.39 -4.32
N ALA B 209 -8.78 -11.43 -3.87
CA ALA B 209 -8.27 -11.46 -2.52
C ALA B 209 -8.62 -10.11 -1.90
N MSE B 210 -9.26 -10.13 -0.73
CA MSE B 210 -9.61 -8.91 -0.02
C MSE B 210 -8.42 -8.66 0.90
O MSE B 210 -8.20 -9.38 1.84
CB MSE B 210 -10.89 -9.07 0.80
CG MSE B 210 -12.02 -9.72 0.04
SE MSE B 210 -12.68 -8.76 -1.51
CE MSE B 210 -13.66 -7.30 -0.63
N LEU B 211 -7.67 -7.62 0.59
CA LEU B 211 -6.48 -7.29 1.34
C LEU B 211 -6.63 -6.59 2.69
N SER B 212 -5.72 -6.91 3.60
CA SER B 212 -5.68 -6.31 4.91
C SER B 212 -4.31 -6.58 5.49
N PHE B 213 -4.06 -6.09 6.71
CA PHE B 213 -2.78 -6.34 7.37
C PHE B 213 -2.90 -7.59 8.23
N SER B 214 -4.06 -8.25 8.11
CA SER B 214 -4.35 -9.47 8.86
C SER B 214 -4.69 -10.53 7.85
N THR B 215 -4.43 -11.78 8.20
CA THR B 215 -4.78 -12.92 7.34
C THR B 215 -5.62 -13.87 8.17
N LYS B 216 -6.90 -14.02 7.81
CA LYS B 216 -7.78 -14.93 8.52
C LYS B 216 -7.67 -14.83 10.05
N GLY B 217 -7.85 -13.62 10.59
CA GLY B 217 -7.84 -13.44 12.02
C GLY B 217 -6.55 -13.21 12.73
N SER B 218 -5.42 -13.17 12.02
CA SER B 218 -4.12 -12.95 12.67
C SER B 218 -3.96 -11.56 13.35
N GLY B 219 -4.81 -10.61 12.95
CA GLY B 219 -4.79 -9.26 13.49
C GLY B 219 -6.21 -8.92 13.87
N LYS B 220 -6.40 -8.01 14.82
CA LYS B 220 -7.75 -7.68 15.23
C LYS B 220 -7.94 -6.19 15.33
N ALA B 221 -8.99 -5.70 14.67
CA ALA B 221 -9.30 -4.27 14.68
C ALA B 221 -10.54 -4.02 13.84
N PRO B 222 -11.15 -2.84 13.99
CA PRO B 222 -12.36 -2.53 13.23
C PRO B 222 -12.14 -2.63 11.72
N GLN B 223 -11.02 -2.09 11.22
CA GLN B 223 -10.74 -2.15 9.79
C GLN B 223 -10.59 -3.58 9.28
N VAL B 224 -10.21 -4.49 10.19
CA VAL B 224 -10.07 -5.91 9.87
C VAL B 224 -11.46 -6.49 9.68
N ASP B 225 -12.33 -6.13 10.61
CA ASP B 225 -13.72 -6.57 10.57
C ASP B 225 -14.38 -6.10 9.27
N LYS B 226 -14.07 -4.87 8.87
CA LYS B 226 -14.65 -4.31 7.67
C LYS B 226 -14.36 -5.09 6.42
N VAL B 227 -13.18 -5.71 6.36
CA VAL B 227 -12.74 -6.49 5.21
C VAL B 227 -13.36 -7.88 5.23
N ARG B 228 -13.33 -8.54 6.39
CA ARG B 228 -13.92 -9.87 6.55
C ARG B 228 -15.42 -9.74 6.22
N GLU B 229 -16.03 -8.72 6.83
CA GLU B 229 -17.45 -8.43 6.60
C GLU B 229 -17.72 -8.36 5.10
N ALA B 230 -17.00 -7.46 4.44
CA ALA B 230 -17.11 -7.26 3.01
C ALA B 230 -16.94 -8.58 2.27
N THR B 231 -15.91 -9.35 2.64
CA THR B 231 -15.67 -10.65 2.03
C THR B 231 -16.95 -11.49 2.05
N GLU B 232 -17.57 -11.53 3.23
CA GLU B 232 -18.79 -12.29 3.41
C GLU B 232 -19.90 -11.77 2.49
N ILE B 233 -20.15 -10.48 2.58
CA ILE B 233 -21.15 -9.80 1.76
C ILE B 233 -20.93 -10.04 0.28
N ALA B 234 -19.66 -10.18 -0.09
CA ALA B 234 -19.29 -10.40 -1.49
C ALA B 234 -19.67 -11.81 -1.89
N THR B 235 -19.33 -12.77 -1.05
CA THR B 235 -19.66 -14.14 -1.34
C THR B 235 -21.17 -14.25 -1.49
N GLY B 236 -21.89 -13.44 -0.74
CA GLY B 236 -23.34 -13.44 -0.83
C GLY B 236 -23.75 -12.94 -2.19
N LEU B 237 -23.38 -11.69 -2.51
CA LEU B 237 -23.69 -11.07 -3.79
C LEU B 237 -23.47 -11.98 -5.00
N ASN B 238 -22.40 -12.76 -4.98
CA ASN B 238 -22.12 -13.64 -6.10
C ASN B 238 -21.27 -14.83 -5.67
N PRO B 239 -21.92 -15.98 -5.44
CA PRO B 239 -21.33 -17.25 -5.01
C PRO B 239 -20.31 -17.88 -5.96
N ASP B 240 -20.42 -17.56 -7.25
CA ASP B 240 -19.51 -18.14 -8.22
C ASP B 240 -18.13 -17.51 -8.33
N LEU B 241 -17.91 -16.41 -7.61
CA LEU B 241 -16.60 -15.77 -7.68
C LEU B 241 -15.64 -16.50 -6.80
N ALA B 242 -14.36 -16.52 -7.19
CA ALA B 242 -13.34 -17.14 -6.36
C ALA B 242 -12.86 -15.94 -5.56
N LEU B 243 -13.44 -15.79 -4.38
CA LEU B 243 -13.18 -14.69 -3.50
C LEU B 243 -12.72 -15.26 -2.17
N ASP B 244 -11.72 -14.65 -1.54
CA ASP B 244 -11.31 -15.07 -0.20
C ASP B 244 -10.96 -13.85 0.61
N GLY B 245 -11.44 -13.84 1.85
CA GLY B 245 -11.29 -12.64 2.65
C GLY B 245 -10.48 -12.52 3.88
N GLU B 246 -9.90 -11.32 3.95
CA GLU B 246 -9.00 -10.89 5.00
C GLU B 246 -7.69 -11.68 4.78
N LEU B 247 -7.00 -11.32 3.69
CA LEU B 247 -5.72 -11.87 3.29
C LEU B 247 -4.65 -10.76 3.21
N GLN B 248 -3.46 -11.03 3.73
CA GLN B 248 -2.37 -10.05 3.64
C GLN B 248 -1.82 -10.27 2.22
N PHE B 249 -1.13 -9.28 1.65
CA PHE B 249 -0.63 -9.44 0.29
C PHE B 249 0.18 -10.72 0.05
N ASP B 250 1.11 -11.01 0.95
CA ASP B 250 1.90 -12.21 0.80
C ASP B 250 1.01 -13.46 0.79
N ALA B 251 0.03 -13.53 1.68
CA ALA B 251 -0.86 -14.67 1.73
C ALA B 251 -1.69 -14.82 0.45
N ALA B 252 -1.90 -13.72 -0.25
CA ALA B 252 -2.67 -13.74 -1.50
C ALA B 252 -1.81 -14.03 -2.72
N PHE B 253 -0.57 -13.57 -2.68
CA PHE B 253 0.37 -13.72 -3.78
C PHE B 253 1.36 -14.91 -3.82
N VAL B 254 1.90 -15.33 -2.68
CA VAL B 254 2.86 -16.44 -2.70
C VAL B 254 2.36 -17.75 -2.07
N PRO B 255 2.50 -18.85 -2.80
CA PRO B 255 2.04 -20.14 -2.32
C PRO B 255 2.66 -20.63 -1.01
N GLU B 256 3.95 -20.34 -0.82
CA GLU B 256 4.60 -20.79 0.40
C GLU B 256 3.96 -20.20 1.63
N THR B 257 3.57 -18.92 1.59
CA THR B 257 2.99 -18.35 2.80
C THR B 257 1.53 -18.76 2.99
N ALA B 258 0.76 -18.78 1.89
CA ALA B 258 -0.65 -19.19 1.97
C ALA B 258 -0.70 -20.52 2.70
N ALA B 259 0.06 -21.48 2.19
CA ALA B 259 0.12 -22.80 2.78
C ALA B 259 0.14 -22.66 4.29
N ILE B 260 0.89 -21.69 4.79
CA ILE B 260 0.92 -21.48 6.23
C ILE B 260 -0.21 -20.59 6.73
N LYS B 261 -0.16 -19.31 6.39
CA LYS B 261 -1.17 -18.35 6.87
C LYS B 261 -2.62 -18.55 6.50
N ALA B 262 -2.92 -19.16 5.35
CA ALA B 262 -4.31 -19.40 4.93
C ALA B 262 -4.51 -20.69 4.15
N PRO B 263 -4.37 -21.85 4.80
CA PRO B 263 -4.57 -23.12 4.07
C PRO B 263 -6.01 -23.24 3.63
N ASP B 264 -6.30 -24.28 2.87
CA ASP B 264 -7.66 -24.50 2.44
C ASP B 264 -8.32 -23.28 1.78
N SER B 265 -7.51 -22.41 1.21
CA SER B 265 -8.03 -21.22 0.56
C SER B 265 -8.12 -21.32 -0.97
N ALA B 266 -9.29 -20.99 -1.50
CA ALA B 266 -9.51 -21.07 -2.93
C ALA B 266 -8.74 -19.99 -3.67
N VAL B 267 -8.31 -18.98 -2.94
CA VAL B 267 -7.60 -17.88 -3.55
C VAL B 267 -6.18 -17.72 -3.08
N ALA B 268 -5.95 -17.74 -1.76
CA ALA B 268 -4.60 -17.56 -1.19
C ALA B 268 -3.53 -18.26 -2.01
N GLY B 269 -2.40 -17.59 -2.15
CA GLY B 269 -1.30 -18.17 -2.89
C GLY B 269 -1.41 -18.03 -4.39
N GLN B 270 -2.54 -17.61 -4.92
CA GLN B 270 -2.68 -17.52 -6.36
C GLN B 270 -3.67 -16.46 -6.85
N ALA B 271 -3.81 -15.38 -6.10
CA ALA B 271 -4.73 -14.35 -6.53
C ALA B 271 -4.19 -13.60 -7.73
N ASN B 272 -5.10 -12.91 -8.41
CA ASN B 272 -4.76 -12.14 -9.58
C ASN B 272 -5.59 -10.86 -9.60
N THR B 273 -6.53 -10.80 -8.66
CA THR B 273 -7.42 -9.67 -8.53
C THR B 273 -7.35 -9.23 -7.09
N PHE B 274 -6.79 -8.04 -6.88
CA PHE B 274 -6.57 -7.55 -5.53
C PHE B 274 -7.41 -6.35 -5.15
N VAL B 275 -8.28 -6.54 -4.14
CA VAL B 275 -9.14 -5.48 -3.63
C VAL B 275 -8.49 -4.90 -2.37
N PHE B 276 -8.28 -3.59 -2.37
CA PHE B 276 -7.62 -2.90 -1.25
C PHE B 276 -8.67 -2.34 -0.27
N PRO B 277 -8.34 -2.28 1.03
CA PRO B 277 -9.21 -1.79 2.11
C PRO B 277 -9.70 -0.40 1.89
N ASP B 278 -8.79 0.49 1.54
CA ASP B 278 -9.11 1.89 1.33
C ASP B 278 -8.21 2.51 0.30
N LEU B 279 -8.57 3.71 -0.14
CA LEU B 279 -7.84 4.45 -1.15
C LEU B 279 -6.38 4.63 -0.80
N GLN B 280 -6.07 4.91 0.46
CA GLN B 280 -4.68 5.08 0.85
C GLN B 280 -3.88 3.85 0.47
N SER B 281 -4.31 2.71 0.94
CA SER B 281 -3.56 1.53 0.60
C SER B 281 -3.54 1.25 -0.91
N GLY B 282 -4.70 1.35 -1.55
CA GLY B 282 -4.80 1.09 -2.98
C GLY B 282 -4.01 2.01 -3.89
N ASN B 283 -4.12 3.32 -3.67
CA ASN B 283 -3.36 4.29 -4.49
C ASN B 283 -1.83 4.18 -4.27
N ILE B 284 -1.39 4.10 -3.00
CA ILE B 284 0.03 3.95 -2.74
C ILE B 284 0.45 2.58 -3.31
N GLY B 285 -0.32 1.56 -2.98
CA GLY B 285 -0.01 0.22 -3.41
C GLY B 285 0.23 -0.07 -4.86
N TYR B 286 -0.64 0.40 -5.74
CA TYR B 286 -0.46 0.12 -7.17
C TYR B 286 0.76 0.88 -7.72
N LYS B 287 1.03 2.06 -7.18
CA LYS B 287 2.18 2.84 -7.59
C LYS B 287 3.51 2.18 -7.17
N ILE B 288 3.50 1.48 -6.04
CA ILE B 288 4.70 0.79 -5.61
C ILE B 288 4.89 -0.36 -6.60
N ALA B 289 3.80 -1.08 -6.88
CA ALA B 289 3.82 -2.20 -7.82
C ALA B 289 4.25 -1.76 -9.22
N GLN B 290 3.98 -0.51 -9.53
CA GLN B 290 4.27 0.04 -10.83
C GLN B 290 5.72 0.45 -10.94
N ARG B 291 6.13 1.31 -10.02
CA ARG B 291 7.51 1.80 -9.98
C ARG B 291 8.57 0.78 -9.47
N LEU B 292 8.37 0.21 -8.28
CA LEU B 292 9.32 -0.74 -7.78
C LEU B 292 9.16 -2.11 -8.43
N GLY B 293 7.92 -2.50 -8.72
CA GLY B 293 7.65 -3.81 -9.31
C GLY B 293 7.77 -3.81 -10.83
N MSE B 294 7.79 -2.62 -11.39
CA MSE B 294 7.92 -2.49 -12.82
C MSE B 294 6.76 -3.06 -13.62
O MSE B 294 6.95 -3.63 -14.69
CB MSE B 294 9.21 -3.14 -13.24
CG MSE B 294 10.33 -2.80 -12.27
SE MSE B 294 12.05 -3.15 -12.97
CE MSE B 294 12.35 -1.35 -13.61
N PHE B 295 5.56 -2.91 -13.10
CA PHE B 295 4.40 -3.36 -13.79
C PHE B 295 3.96 -2.15 -14.55
N ASP B 296 3.33 -2.39 -15.69
CA ASP B 296 2.76 -1.32 -16.48
C ASP B 296 1.40 -1.19 -15.79
N ALA B 297 0.96 0.03 -15.56
CA ALA B 297 -0.33 0.23 -14.92
C ALA B 297 -1.24 0.89 -15.93
N ILE B 298 -2.20 0.14 -16.51
CA ILE B 298 -3.12 0.74 -17.47
C ILE B 298 -4.14 1.57 -16.75
N GLY B 299 -3.94 2.91 -16.86
CA GLY B 299 -4.73 4.00 -16.25
C GLY B 299 -6.00 3.72 -15.50
N PRO B 300 -6.52 4.64 -14.67
CA PRO B 300 -7.78 4.30 -13.97
C PRO B 300 -8.90 3.95 -14.95
N ILE B 301 -9.51 2.79 -14.76
CA ILE B 301 -10.65 2.35 -15.56
C ILE B 301 -11.83 2.35 -14.60
N LEU B 302 -12.81 3.24 -14.81
CA LEU B 302 -13.98 3.33 -13.93
C LEU B 302 -14.93 2.17 -14.13
N GLN B 303 -15.46 1.63 -13.03
CA GLN B 303 -16.41 0.52 -13.15
C GLN B 303 -17.71 0.77 -12.39
N GLY B 304 -18.79 0.21 -12.92
CA GLY B 304 -20.10 0.35 -12.31
C GLY B 304 -20.96 1.52 -12.75
N LEU B 305 -21.06 1.75 -14.04
CA LEU B 305 -21.89 2.83 -14.57
C LEU B 305 -22.80 2.18 -15.58
N ASN B 306 -23.92 2.82 -15.89
CA ASN B 306 -24.82 2.20 -16.85
C ASN B 306 -24.18 2.23 -18.23
N LYS B 307 -23.47 3.31 -18.48
CA LYS B 307 -22.76 3.50 -19.73
C LYS B 307 -21.32 3.81 -19.29
N PRO B 308 -20.33 3.36 -20.05
CA PRO B 308 -18.91 3.59 -19.72
C PRO B 308 -18.47 5.04 -19.94
N VAL B 309 -17.76 5.59 -18.97
CA VAL B 309 -17.23 6.94 -19.08
C VAL B 309 -15.90 6.90 -18.34
N ASN B 310 -14.81 7.06 -19.09
CA ASN B 310 -13.51 7.01 -18.46
C ASN B 310 -12.76 8.33 -18.45
N ASP B 311 -11.87 8.45 -17.47
CA ASP B 311 -11.07 9.64 -17.28
C ASP B 311 -9.60 9.34 -17.54
N LEU B 312 -9.01 10.12 -18.45
CA LEU B 312 -7.61 10.01 -18.80
C LEU B 312 -6.82 10.61 -17.67
N SER B 313 -5.50 10.56 -17.74
CA SER B 313 -4.73 11.18 -16.68
C SER B 313 -4.06 12.47 -17.06
N ARG B 314 -3.66 13.19 -16.03
CA ARG B 314 -2.96 14.44 -16.19
C ARG B 314 -1.66 14.09 -16.95
N GLY B 315 -1.56 14.50 -18.21
CA GLY B 315 -0.36 14.23 -18.98
C GLY B 315 -0.30 12.86 -19.62
N SER B 316 -1.35 12.50 -20.36
CA SER B 316 -1.41 11.22 -21.04
C SER B 316 -0.91 11.44 -22.45
N SER B 317 -0.72 10.34 -23.18
CA SER B 317 -0.25 10.42 -24.55
C SER B 317 -1.39 10.08 -25.51
N ALA B 318 -1.17 10.29 -26.80
CA ALA B 318 -2.21 9.96 -27.74
C ALA B 318 -2.43 8.45 -27.73
N GLU B 319 -1.36 7.69 -27.52
CA GLU B 319 -1.50 6.24 -27.48
C GLU B 319 -2.33 5.89 -26.25
N ASP B 320 -2.09 6.60 -25.17
CA ASP B 320 -2.82 6.36 -23.94
C ASP B 320 -4.30 6.57 -24.17
N ILE B 321 -4.65 7.63 -24.87
CA ILE B 321 -6.05 7.89 -25.13
C ILE B 321 -6.59 6.73 -25.97
N TYR B 322 -5.90 6.44 -27.06
CA TYR B 322 -6.26 5.37 -27.95
C TYR B 322 -6.61 4.09 -27.15
N LYS B 323 -5.73 3.66 -26.27
CA LYS B 323 -5.99 2.48 -25.45
C LYS B 323 -7.19 2.60 -24.57
N LEU B 324 -7.33 3.70 -23.87
CA LEU B 324 -8.46 3.89 -22.97
C LEU B 324 -9.76 3.77 -23.72
N ALA B 325 -9.89 4.51 -24.82
CA ALA B 325 -11.09 4.49 -25.66
C ALA B 325 -11.44 3.05 -26.07
N ILE B 326 -10.43 2.26 -26.41
CA ILE B 326 -10.65 0.88 -26.79
C ILE B 326 -11.28 0.12 -25.64
N ILE B 327 -10.72 0.28 -24.46
CA ILE B 327 -11.25 -0.33 -23.26
C ILE B 327 -12.69 0.20 -23.06
N THR B 328 -12.90 1.50 -23.17
CA THR B 328 -14.23 2.09 -23.03
C THR B 328 -15.24 1.42 -23.97
N ALA B 329 -14.93 1.36 -25.25
CA ALA B 329 -15.81 0.71 -26.21
C ALA B 329 -16.08 -0.74 -25.79
N ALA B 330 -15.02 -1.47 -25.47
CA ALA B 330 -15.15 -2.86 -25.06
C ALA B 330 -16.10 -2.95 -23.87
N GLN B 331 -16.18 -1.90 -23.09
CA GLN B 331 -17.07 -1.89 -21.94
C GLN B 331 -18.47 -1.64 -22.44
N ALA B 332 -18.64 -0.73 -23.39
CA ALA B 332 -19.97 -0.46 -23.89
C ALA B 332 -20.58 -1.68 -24.57
N ILE B 333 -19.76 -2.66 -24.89
CA ILE B 333 -20.25 -3.89 -25.51
C ILE B 333 -20.95 -4.76 -24.45
N GLU B 334 -20.41 -4.82 -23.24
CA GLU B 334 -21.01 -5.60 -22.16
C GLU B 334 -22.34 -5.00 -21.78
N SER B 335 -22.71 -3.94 -22.47
CA SER B 335 -23.97 -3.26 -22.22
C SER B 335 -24.91 -3.65 -23.36
#